data_2IPB
#
_entry.id   2IPB
#
_cell.length_a   190.273
_cell.length_b   45.113
_cell.length_c   112.945
_cell.angle_alpha   90.00
_cell.angle_beta   112.05
_cell.angle_gamma   90.00
#
_symmetry.space_group_name_H-M   'C 1 2 1'
#
loop_
_entity.id
_entity.type
_entity.pdbx_description
1 polymer 'Class A nonspecific acid phosphatase PhoN'
2 water water
#
_entity_poly.entity_id   1
_entity_poly.type   'polypeptide(L)'
_entity_poly.pdbx_seq_one_letter_code
;ATMQPFHSPEESVNSQFYLPPPPGNDDPAFRYDKEAYFKGYAIKGSPRWKQAAEDADISVENIARIFSPVVGAKINPKDT
PETWNMLQNLLKMGGYYATASAKKYYMRTRPFVLFNHSTCRPEDENTLRKDGSYPSGHDAYSTLLALVLSQARPERAQEL
ARRGWEFGQSRVICGAHWQSDVDAGRYVGAVEFARLQTIPAFQKSLAKVREELNDKNNLLSKEERPELNY
;
_entity_poly.pdbx_strand_id   A,B,C,D
#
# COMPACT_ATOMS: atom_id res chain seq x y z
N MET A 3 -0.93 6.37 29.54
CA MET A 3 -1.40 7.60 28.83
C MET A 3 -2.77 7.39 28.17
N GLN A 4 -3.70 8.29 28.44
CA GLN A 4 -5.08 8.14 28.00
C GLN A 4 -5.50 9.28 27.05
N PRO A 5 -6.11 8.92 25.91
CA PRO A 5 -6.48 9.89 24.88
C PRO A 5 -7.25 11.05 25.47
N PHE A 6 -6.93 12.27 25.02
CA PHE A 6 -7.62 13.47 25.48
C PHE A 6 -9.12 13.41 25.20
N HIS A 7 -9.50 12.74 24.12
CA HIS A 7 -10.90 12.58 23.78
C HIS A 7 -11.14 11.46 22.77
N SER A 8 -12.40 11.21 22.47
CA SER A 8 -12.77 10.07 21.62
C SER A 8 -12.86 10.53 20.17
N PRO A 9 -12.86 9.57 19.24
CA PRO A 9 -12.96 9.90 17.82
C PRO A 9 -14.17 10.81 17.54
N GLU A 10 -15.26 10.60 18.26
CA GLU A 10 -16.50 11.34 18.02
C GLU A 10 -16.45 12.78 18.55
N GLU A 11 -15.45 13.11 19.34
CA GLU A 11 -15.35 14.46 19.90
C GLU A 11 -14.34 15.34 19.14
N SER A 12 -13.80 14.79 18.06
CA SER A 12 -13.19 15.65 17.06
C SER A 12 -14.27 16.41 16.31
N VAL A 13 -13.89 17.55 15.75
CA VAL A 13 -14.79 18.25 14.84
C VAL A 13 -14.84 17.55 13.48
N ASN A 14 -16.04 17.38 12.94
CA ASN A 14 -16.28 16.54 11.75
C ASN A 14 -15.70 17.20 10.51
N SER A 15 -14.54 16.71 10.05
CA SER A 15 -13.79 17.38 9.00
C SER A 15 -14.50 17.27 7.65
N GLN A 16 -15.32 16.24 7.52
CA GLN A 16 -16.15 16.08 6.33
C GLN A 16 -17.16 17.21 6.15
N PHE A 17 -17.59 17.84 7.24
CA PHE A 17 -18.58 18.90 7.20
C PHE A 17 -17.95 20.23 6.79
N TYR A 18 -16.75 20.53 7.31
CA TYR A 18 -16.19 21.86 7.12
C TYR A 18 -15.25 22.01 5.93
N LEU A 19 -14.74 20.90 5.41
CA LEU A 19 -13.77 20.97 4.31
C LEU A 19 -14.48 20.94 2.96
N PRO A 20 -13.94 21.66 1.96
CA PRO A 20 -14.51 21.50 0.64
C PRO A 20 -13.99 20.18 0.09
N PRO A 21 -14.65 19.65 -0.95
CA PRO A 21 -14.17 18.43 -1.60
C PRO A 21 -12.81 18.70 -2.24
N PRO A 22 -12.03 17.63 -2.50
CA PRO A 22 -10.75 17.72 -3.22
C PRO A 22 -10.96 17.95 -4.72
N PRO A 23 -9.97 18.59 -5.37
CA PRO A 23 -9.99 18.95 -6.79
C PRO A 23 -10.07 17.75 -7.74
N GLY A 24 -10.87 17.88 -8.79
CA GLY A 24 -10.93 16.87 -9.83
C GLY A 24 -9.86 17.18 -10.85
N ASN A 25 -9.57 16.23 -11.73
CA ASN A 25 -8.45 16.34 -12.66
C ASN A 25 -8.59 17.54 -13.59
N ASP A 26 -9.75 18.18 -13.57
CA ASP A 26 -10.06 19.29 -14.47
C ASP A 26 -9.83 20.65 -13.80
N ASP A 27 -9.62 20.64 -12.49
CA ASP A 27 -9.50 21.86 -11.71
C ASP A 27 -8.11 22.47 -11.81
N PRO A 28 -8.05 23.80 -11.70
CA PRO A 28 -6.76 24.49 -11.67
C PRO A 28 -5.99 24.15 -10.41
N ALA A 29 -6.70 23.81 -9.34
CA ALA A 29 -6.02 23.43 -8.11
C ALA A 29 -5.33 22.07 -8.27
N PHE A 30 -5.93 21.19 -9.06
CA PHE A 30 -5.27 19.92 -9.40
C PHE A 30 -4.06 20.11 -10.31
N ARG A 31 -4.12 21.08 -11.22
CA ARG A 31 -2.95 21.35 -12.08
C ARG A 31 -1.76 21.84 -11.26
N TYR A 32 -2.04 22.73 -10.31
CA TYR A 32 -1.09 23.07 -9.26
C TYR A 32 -0.60 21.86 -8.46
N ASP A 33 -1.53 21.04 -7.97
CA ASP A 33 -1.16 19.80 -7.29
C ASP A 33 -0.12 18.99 -8.06
N LYS A 34 -0.36 18.77 -9.35
CA LYS A 34 0.58 17.93 -10.10
C LYS A 34 1.87 18.60 -10.51
N GLU A 35 1.83 19.90 -10.78
CA GLU A 35 3.07 20.61 -11.01
C GLU A 35 3.93 20.56 -9.75
N ALA A 36 3.31 20.81 -8.60
CA ALA A 36 4.06 20.75 -7.35
C ALA A 36 4.61 19.35 -7.09
N TYR A 37 3.88 18.32 -7.50
CA TYR A 37 4.37 16.94 -7.35
C TYR A 37 5.63 16.67 -8.18
N PHE A 38 5.60 17.04 -9.46
CA PHE A 38 6.69 16.77 -10.38
C PHE A 38 7.90 17.64 -10.10
N LYS A 39 7.64 18.85 -9.63
CA LYS A 39 8.67 19.70 -9.05
C LYS A 39 9.45 19.00 -7.94
N GLY A 40 8.73 18.34 -7.03
CA GLY A 40 9.37 17.71 -5.88
C GLY A 40 10.11 16.47 -6.33
N TYR A 41 9.56 15.79 -7.33
CA TYR A 41 10.10 14.53 -7.80
C TYR A 41 11.37 14.76 -8.60
N ALA A 42 11.45 15.93 -9.24
CA ALA A 42 12.61 16.30 -10.05
C ALA A 42 13.93 16.37 -9.26
N ILE A 43 13.82 16.49 -7.94
CA ILE A 43 15.01 16.66 -7.07
C ILE A 43 15.22 15.43 -6.19
N LYS A 44 14.62 14.32 -6.58
CA LYS A 44 14.93 13.03 -5.97
C LYS A 44 16.45 12.87 -5.80
N GLY A 45 16.85 12.20 -4.71
CA GLY A 45 18.26 11.95 -4.45
C GLY A 45 18.96 13.11 -3.75
N SER A 46 18.53 14.34 -4.02
CA SER A 46 19.21 15.51 -3.48
C SER A 46 19.11 15.60 -1.94
N PRO A 47 19.85 16.54 -1.35
CA PRO A 47 19.84 16.77 0.10
C PRO A 47 18.46 17.16 0.63
N ARG A 48 17.82 18.15 0.00
CA ARG A 48 16.48 18.58 0.40
C ARG A 48 15.50 17.39 0.39
N TRP A 49 15.65 16.53 -0.61
CA TRP A 49 14.91 15.28 -0.69
C TRP A 49 15.21 14.36 0.50
N LYS A 50 16.46 14.33 0.95
CA LYS A 50 16.84 13.52 2.10
C LYS A 50 16.29 14.14 3.38
N GLN A 51 16.42 15.46 3.47
CA GLN A 51 15.68 16.23 4.44
C GLN A 51 14.21 15.77 4.52
N ALA A 52 13.55 15.68 3.37
CA ALA A 52 12.14 15.30 3.34
C ALA A 52 11.89 13.89 3.87
N ALA A 53 12.79 12.95 3.57
CA ALA A 53 12.67 11.61 4.14
C ALA A 53 12.81 11.62 5.67
N GLU A 54 13.66 12.49 6.19
CA GLU A 54 13.78 12.63 7.65
C GLU A 54 12.51 13.25 8.25
N ASP A 55 12.00 14.30 7.60
CA ASP A 55 10.75 14.93 8.04
C ASP A 55 9.55 13.99 8.01
N ALA A 56 9.63 12.96 7.15
CA ALA A 56 8.44 12.17 6.78
C ALA A 56 8.07 11.10 7.80
N ASP A 57 9.06 10.74 8.63
CA ASP A 57 8.88 9.77 9.71
C ASP A 57 8.05 10.41 10.84
N ILE A 58 6.93 9.80 11.22
CA ILE A 58 6.06 10.36 12.27
C ILE A 58 6.15 9.61 13.59
N SER A 59 7.08 8.67 13.73
CA SER A 59 7.36 8.13 15.05
C SER A 59 7.69 9.25 16.05
N VAL A 60 7.37 8.98 17.32
CA VAL A 60 7.59 9.93 18.39
C VAL A 60 9.09 10.23 18.59
N GLU A 61 9.94 9.21 18.42
CA GLU A 61 11.39 9.39 18.49
C GLU A 61 11.89 10.40 17.46
N ASN A 62 11.43 10.27 16.23
CA ASN A 62 11.83 11.20 15.18
C ASN A 62 11.28 12.60 15.42
N ILE A 63 9.99 12.65 15.77
CA ILE A 63 9.33 13.90 16.10
C ILE A 63 10.08 14.64 17.20
N ALA A 64 10.43 13.92 18.27
CA ALA A 64 11.25 14.48 19.33
C ALA A 64 12.60 15.00 18.85
N ARG A 65 13.29 14.24 17.99
CA ARG A 65 14.63 14.68 17.57
C ARG A 65 14.55 15.92 16.69
N ILE A 66 13.46 16.07 15.95
CA ILE A 66 13.29 17.26 15.12
C ILE A 66 12.91 18.47 15.96
N PHE A 67 11.97 18.30 16.89
CA PHE A 67 11.43 19.46 17.59
C PHE A 67 12.32 19.94 18.72
N SER A 68 13.15 19.05 19.26
CA SER A 68 13.95 19.38 20.44
C SER A 68 14.83 20.61 20.24
N PRO A 69 15.61 20.65 19.14
CA PRO A 69 16.42 21.85 18.86
C PRO A 69 15.55 23.10 18.60
N VAL A 70 14.32 22.89 18.13
CA VAL A 70 13.43 23.98 17.81
C VAL A 70 12.84 24.63 19.07
N VAL A 71 12.38 23.82 20.03
CA VAL A 71 11.92 24.37 21.31
C VAL A 71 13.08 24.76 22.23
N GLY A 72 14.25 24.18 22.00
CA GLY A 72 15.43 24.57 22.78
C GLY A 72 15.53 23.84 24.10
N ALA A 73 14.90 22.69 24.17
CA ALA A 73 14.87 21.89 25.39
C ALA A 73 14.99 20.42 25.01
N LYS A 74 15.54 19.62 25.90
CA LYS A 74 15.52 18.16 25.75
C LYS A 74 14.09 17.68 25.64
N ILE A 75 13.85 16.73 24.73
CA ILE A 75 12.64 15.96 24.75
C ILE A 75 12.96 14.48 24.69
N ASN A 76 12.78 13.79 25.81
CA ASN A 76 12.96 12.35 25.86
C ASN A 76 12.10 11.79 26.97
N PRO A 77 11.88 10.47 26.97
CA PRO A 77 10.98 9.83 27.93
C PRO A 77 11.46 9.96 29.38
N LYS A 78 12.77 10.11 29.58
CA LYS A 78 13.31 10.25 30.93
C LYS A 78 13.10 11.64 31.53
N ASP A 79 13.58 12.67 30.81
CA ASP A 79 13.60 14.04 31.35
C ASP A 79 12.26 14.76 31.20
N THR A 80 11.51 14.42 30.15
CA THR A 80 10.25 15.10 29.83
C THR A 80 9.13 14.10 29.58
N PRO A 81 8.76 13.34 30.62
CA PRO A 81 7.84 12.22 30.43
C PRO A 81 6.48 12.67 29.93
N GLU A 82 5.98 13.78 30.44
CA GLU A 82 4.66 14.24 30.01
C GLU A 82 4.65 14.78 28.58
N THR A 83 5.73 15.49 28.21
CA THR A 83 5.89 15.98 26.85
C THR A 83 5.92 14.81 25.88
N TRP A 84 6.68 13.77 26.24
CA TRP A 84 6.70 12.51 25.52
C TRP A 84 5.30 11.88 25.31
N ASN A 85 4.48 11.84 26.36
CA ASN A 85 3.10 11.37 26.21
C ASN A 85 2.26 12.28 25.32
N MET A 86 2.45 13.59 25.47
CA MET A 86 1.77 14.62 24.69
C MET A 86 2.04 14.50 23.18
N LEU A 87 3.29 14.25 22.81
CA LEU A 87 3.62 14.00 21.42
C LEU A 87 2.79 12.86 20.81
N GLN A 88 2.56 11.79 21.57
CA GLN A 88 1.84 10.60 21.10
C GLN A 88 0.33 10.79 21.15
N ASN A 89 -0.17 11.34 22.25
CA ASN A 89 -1.57 11.72 22.33
C ASN A 89 -2.01 12.62 21.16
N LEU A 90 -1.17 13.58 20.79
CA LEU A 90 -1.51 14.51 19.69
C LEU A 90 -1.46 13.86 18.30
N LEU A 91 -0.65 12.82 18.14
CA LEU A 91 -0.72 12.01 16.92
C LEU A 91 -2.11 11.40 16.71
N LYS A 92 -2.66 10.77 17.75
CA LYS A 92 -4.00 10.19 17.67
C LYS A 92 -5.10 11.25 17.47
N MET A 93 -5.05 12.30 18.26
CA MET A 93 -6.03 13.38 18.19
C MET A 93 -5.96 14.06 16.83
N GLY A 94 -4.77 14.49 16.43
CA GLY A 94 -4.61 15.34 15.23
C GLY A 94 -4.41 14.60 13.94
N GLY A 95 -3.59 13.55 13.97
CA GLY A 95 -3.35 12.70 12.80
C GLY A 95 -4.52 11.84 12.35
N TYR A 96 -5.21 11.20 13.31
CA TYR A 96 -6.26 10.23 13.01
C TYR A 96 -7.68 10.72 13.29
N TYR A 97 -7.97 11.08 14.54
CA TYR A 97 -9.33 11.48 14.89
C TYR A 97 -9.81 12.72 14.11
N ALA A 98 -8.93 13.70 13.92
CA ALA A 98 -9.33 14.98 13.36
C ALA A 98 -9.62 14.94 11.85
N THR A 99 -9.05 13.96 11.16
CA THR A 99 -9.08 13.88 9.70
C THR A 99 -9.99 12.76 9.20
N ALA A 100 -10.40 11.89 10.12
CA ALA A 100 -10.87 10.55 9.76
C ALA A 100 -12.09 10.53 8.82
N SER A 101 -13.07 11.39 9.09
CA SER A 101 -14.34 11.29 8.37
C SER A 101 -14.27 11.87 6.95
N ALA A 102 -13.50 12.95 6.78
CA ALA A 102 -13.16 13.40 5.43
C ALA A 102 -12.25 12.42 4.69
N LYS A 103 -11.29 11.83 5.39
CA LYS A 103 -10.40 10.86 4.74
C LYS A 103 -11.22 9.72 4.14
N LYS A 104 -12.10 9.14 4.96
CA LYS A 104 -12.87 7.96 4.60
C LYS A 104 -13.93 8.30 3.57
N TYR A 105 -14.51 9.50 3.66
CA TYR A 105 -15.47 9.94 2.66
C TYR A 105 -14.92 9.96 1.24
N TYR A 106 -13.77 10.63 1.05
CA TYR A 106 -13.25 10.89 -0.31
C TYR A 106 -12.26 9.83 -0.77
N MET A 107 -11.59 9.21 0.18
CA MET A 107 -10.59 8.18 -0.13
C MET A 107 -9.69 8.62 -1.28
N ARG A 108 -9.03 9.77 -1.13
CA ARG A 108 -8.31 10.35 -2.24
C ARG A 108 -7.03 9.59 -2.58
N THR A 109 -6.81 9.39 -3.87
CA THR A 109 -5.70 8.56 -4.36
C THR A 109 -4.42 9.39 -4.28
N ARG A 110 -3.35 8.78 -3.76
CA ARG A 110 -2.08 9.49 -3.58
C ARG A 110 -1.25 9.67 -4.85
N PRO A 111 -0.48 10.77 -4.94
CA PRO A 111 0.26 11.06 -6.17
C PRO A 111 1.16 9.91 -6.64
N PHE A 112 1.90 9.28 -5.72
CA PHE A 112 2.89 8.29 -6.11
C PHE A 112 2.23 7.07 -6.72
N VAL A 113 1.03 6.78 -6.23
CA VAL A 113 0.24 5.66 -6.74
C VAL A 113 -0.29 5.99 -8.14
N LEU A 114 -0.69 7.24 -8.33
CA LEU A 114 -1.24 7.68 -9.60
C LEU A 114 -0.19 7.69 -10.71
N PHE A 115 1.05 8.05 -10.37
CA PHE A 115 2.09 8.17 -11.38
C PHE A 115 3.09 7.02 -11.30
N ASN A 116 2.82 6.06 -10.43
CA ASN A 116 3.60 4.84 -10.40
C ASN A 116 5.06 5.11 -10.06
N HIS A 117 5.29 6.07 -9.17
CA HIS A 117 6.63 6.30 -8.66
C HIS A 117 6.76 5.80 -7.23
N SER A 118 7.97 5.91 -6.70
CA SER A 118 8.22 5.61 -5.31
C SER A 118 8.33 6.93 -4.56
N THR A 119 8.02 6.92 -3.27
CA THR A 119 8.12 8.13 -2.46
C THR A 119 9.53 8.29 -1.90
N CYS A 120 9.73 9.37 -1.14
CA CYS A 120 10.99 9.55 -0.43
C CYS A 120 11.12 8.58 0.74
N ARG A 121 10.07 7.82 1.02
CA ARG A 121 10.11 6.91 2.15
C ARG A 121 9.39 5.60 1.86
N PRO A 122 10.06 4.72 1.10
CA PRO A 122 9.37 3.53 0.57
C PRO A 122 8.81 2.63 1.67
N GLU A 123 9.44 2.62 2.84
CA GLU A 123 8.98 1.74 3.92
C GLU A 123 7.53 1.99 4.31
N ASP A 124 7.08 3.25 4.24
CA ASP A 124 5.74 3.58 4.70
C ASP A 124 4.69 3.40 3.61
N GLU A 125 5.15 3.20 2.38
CA GLU A 125 4.27 3.30 1.21
C GLU A 125 3.04 2.41 1.29
N ASN A 126 3.20 1.19 1.76
CA ASN A 126 2.09 0.25 1.74
C ASN A 126 0.99 0.59 2.74
N THR A 127 1.39 1.14 3.88
CA THR A 127 0.43 1.68 4.84
C THR A 127 -0.35 2.85 4.26
N LEU A 128 0.33 3.70 3.51
CA LEU A 128 -0.26 4.94 3.02
C LEU A 128 -1.24 4.70 1.86
N ARG A 129 -1.03 3.61 1.12
CA ARG A 129 -1.94 3.22 0.03
C ARG A 129 -3.37 3.03 0.50
N LYS A 130 -3.54 2.51 1.70
CA LYS A 130 -4.87 2.12 2.17
C LYS A 130 -5.63 3.32 2.73
N ASP A 131 -4.94 4.45 2.85
CA ASP A 131 -5.46 5.58 3.58
C ASP A 131 -5.73 6.77 2.64
N GLY A 132 -6.95 7.29 2.66
CA GLY A 132 -7.26 8.53 1.96
C GLY A 132 -6.24 9.63 2.18
N SER A 133 -5.83 10.25 1.08
CA SER A 133 -4.85 11.33 1.08
C SER A 133 -5.36 12.57 1.81
N TYR A 134 -6.66 12.82 1.67
CA TYR A 134 -7.18 14.16 1.87
C TYR A 134 -8.13 14.17 3.04
N PRO A 135 -7.89 15.06 4.02
CA PRO A 135 -6.77 15.97 4.13
C PRO A 135 -5.59 15.25 4.74
N SER A 136 -4.41 15.86 4.70
CA SER A 136 -3.20 15.21 5.24
C SER A 136 -3.20 15.13 6.76
N GLY A 137 -3.22 13.90 7.28
CA GLY A 137 -3.16 13.68 8.72
C GLY A 137 -1.78 14.00 9.28
N HIS A 138 -0.75 13.76 8.47
CA HIS A 138 0.63 14.10 8.83
C HIS A 138 0.77 15.60 9.09
N ASP A 139 0.14 16.40 8.23
CA ASP A 139 0.24 17.83 8.34
C ASP A 139 -0.67 18.45 9.39
N ALA A 140 -1.84 17.85 9.58
CA ALA A 140 -2.66 18.19 10.72
C ALA A 140 -1.89 17.93 12.00
N TYR A 141 -1.15 16.83 12.03
CA TYR A 141 -0.37 16.48 13.23
C TYR A 141 0.79 17.44 13.48
N SER A 142 1.65 17.64 12.48
CA SER A 142 2.78 18.55 12.65
C SER A 142 2.36 19.99 12.96
N THR A 143 1.21 20.40 12.42
CA THR A 143 0.65 21.73 12.70
C THR A 143 0.14 21.88 14.13
N LEU A 144 -0.68 20.92 14.58
CA LEU A 144 -1.15 20.88 15.97
C LEU A 144 0.04 20.88 16.93
N LEU A 145 1.03 20.08 16.61
CA LEU A 145 2.24 20.01 17.44
C LEU A 145 2.94 21.36 17.60
N ALA A 146 3.23 22.01 16.48
CA ALA A 146 3.79 23.36 16.51
C ALA A 146 3.00 24.36 17.37
N LEU A 147 1.67 24.27 17.34
CA LEU A 147 0.79 25.22 18.07
C LEU A 147 0.76 24.93 19.57
N VAL A 148 0.64 23.65 19.92
CA VAL A 148 0.71 23.27 21.33
C VAL A 148 2.06 23.64 21.96
N LEU A 149 3.14 23.31 21.28
CA LEU A 149 4.45 23.66 21.79
C LEU A 149 4.66 25.18 21.90
N SER A 150 4.10 25.95 20.96
CA SER A 150 4.10 27.42 21.01
C SER A 150 3.34 27.93 22.24
N GLN A 151 2.29 27.21 22.60
CA GLN A 151 1.54 27.49 23.80
C GLN A 151 2.34 27.22 25.08
N ALA A 152 3.14 26.17 25.08
CA ALA A 152 3.92 25.81 26.26
C ALA A 152 5.24 26.58 26.34
N ARG A 153 5.72 27.03 25.18
CA ARG A 153 6.98 27.75 25.15
C ARG A 153 6.96 28.93 24.16
N PRO A 154 6.20 29.99 24.50
CA PRO A 154 5.96 31.12 23.60
C PRO A 154 7.25 31.80 23.18
N GLU A 155 8.31 31.62 23.97
CA GLU A 155 9.59 32.21 23.70
C GLU A 155 10.13 31.74 22.35
N ARG A 156 9.73 30.56 21.92
CA ARG A 156 10.24 30.00 20.68
C ARG A 156 9.15 29.91 19.59
N ALA A 157 8.13 30.75 19.71
CA ALA A 157 6.96 30.63 18.83
C ALA A 157 7.32 30.77 17.34
N GLN A 158 8.19 31.72 17.02
CA GLN A 158 8.50 32.01 15.63
C GLN A 158 9.25 30.84 14.95
N GLU A 159 10.16 30.20 15.69
CA GLU A 159 10.89 29.05 15.21
C GLU A 159 9.96 27.84 15.08
N LEU A 160 9.05 27.67 16.03
CA LEU A 160 8.02 26.63 15.93
C LEU A 160 7.09 26.78 14.72
N ALA A 161 6.70 28.02 14.41
CA ALA A 161 5.78 28.27 13.30
C ALA A 161 6.49 28.06 11.97
N ARG A 162 7.76 28.47 11.91
CA ARG A 162 8.59 28.22 10.72
C ARG A 162 8.76 26.73 10.49
N ARG A 163 9.13 26.00 11.54
CA ARG A 163 9.25 24.55 11.42
C ARG A 163 7.94 23.92 10.98
N GLY A 164 6.83 24.45 11.48
CA GLY A 164 5.50 23.91 11.15
C GLY A 164 5.19 24.05 9.67
N TRP A 165 5.53 25.20 9.10
CA TRP A 165 5.35 25.44 7.67
C TRP A 165 6.23 24.54 6.78
N GLU A 166 7.49 24.41 7.13
CA GLU A 166 8.47 23.63 6.39
C GLU A 166 8.10 22.15 6.27
N PHE A 167 7.46 21.59 7.30
CA PHE A 167 6.97 20.22 7.23
C PHE A 167 6.12 19.98 5.98
N GLY A 168 5.36 20.99 5.59
CA GLY A 168 4.41 20.86 4.48
C GLY A 168 5.16 20.73 3.18
N GLN A 169 6.19 21.55 3.03
CA GLN A 169 7.07 21.46 1.88
C GLN A 169 7.72 20.08 1.77
N SER A 170 8.11 19.51 2.90
CA SER A 170 8.64 18.15 2.90
C SER A 170 7.62 17.14 2.40
N ARG A 171 6.37 17.25 2.87
CA ARG A 171 5.33 16.28 2.51
C ARG A 171 5.05 16.29 1.00
N VAL A 172 5.00 17.48 0.42
CA VAL A 172 4.77 17.62 -1.01
C VAL A 172 5.93 17.01 -1.79
N ILE A 173 7.16 17.24 -1.31
CA ILE A 173 8.35 16.70 -1.93
C ILE A 173 8.45 15.17 -1.83
N CYS A 174 7.99 14.61 -0.72
CA CYS A 174 8.11 13.17 -0.52
C CYS A 174 7.15 12.38 -1.41
N GLY A 175 6.06 13.00 -1.82
CA GLY A 175 5.23 12.44 -2.88
C GLY A 175 4.05 11.62 -2.42
N ALA A 176 3.86 11.52 -1.11
CA ALA A 176 2.74 10.74 -0.58
C ALA A 176 1.50 11.60 -0.33
N HIS A 177 1.64 12.92 -0.45
CA HIS A 177 0.52 13.85 -0.35
C HIS A 177 0.53 14.85 -1.49
N TRP A 178 -0.66 15.31 -1.88
CA TRP A 178 -0.77 16.47 -2.77
C TRP A 178 -0.64 17.77 -1.97
N GLN A 179 -0.24 18.85 -2.64
CA GLN A 179 -0.19 20.17 -2.03
C GLN A 179 -1.50 20.53 -1.36
N SER A 180 -2.63 20.25 -2.02
CA SER A 180 -3.93 20.58 -1.47
C SER A 180 -4.32 19.76 -0.22
N ASP A 181 -3.85 18.51 -0.12
CA ASP A 181 -3.97 17.74 1.13
C ASP A 181 -3.27 18.48 2.26
N VAL A 182 -2.09 19.01 1.96
CA VAL A 182 -1.24 19.63 2.98
C VAL A 182 -1.92 20.88 3.50
N ASP A 183 -2.45 21.68 2.57
CA ASP A 183 -3.13 22.93 2.89
C ASP A 183 -4.37 22.70 3.73
N ALA A 184 -5.13 21.67 3.41
CA ALA A 184 -6.32 21.34 4.20
C ALA A 184 -5.92 20.75 5.55
N GLY A 185 -4.82 19.99 5.57
CA GLY A 185 -4.33 19.38 6.81
C GLY A 185 -3.95 20.42 7.86
N ARG A 186 -3.43 21.55 7.41
CA ARG A 186 -2.99 22.62 8.30
C ARG A 186 -4.14 23.28 9.02
N TYR A 187 -5.21 23.49 8.27
CA TYR A 187 -6.43 24.08 8.81
C TYR A 187 -7.11 23.10 9.77
N VAL A 188 -7.12 21.81 9.42
CA VAL A 188 -7.60 20.79 10.36
C VAL A 188 -6.85 20.81 11.69
N GLY A 189 -5.52 20.96 11.62
CA GLY A 189 -4.71 20.99 12.84
C GLY A 189 -5.07 22.16 13.76
N ALA A 190 -5.42 23.30 13.17
CA ALA A 190 -5.83 24.45 13.96
C ALA A 190 -7.24 24.27 14.60
N VAL A 191 -8.17 23.71 13.85
CA VAL A 191 -9.49 23.37 14.40
C VAL A 191 -9.37 22.41 15.59
N GLU A 192 -8.56 21.37 15.47
CA GLU A 192 -8.37 20.45 16.58
C GLU A 192 -7.71 21.14 17.77
N PHE A 193 -6.75 22.02 17.50
CA PHE A 193 -6.07 22.77 18.54
C PHE A 193 -7.08 23.59 19.35
N ALA A 194 -8.07 24.14 18.68
CA ALA A 194 -9.09 24.96 19.34
C ALA A 194 -10.00 24.06 20.20
N ARG A 195 -10.30 22.89 19.68
CA ARG A 195 -11.13 21.90 20.38
C ARG A 195 -10.42 21.38 21.64
N LEU A 196 -9.11 21.21 21.56
CA LEU A 196 -8.35 20.76 22.73
C LEU A 196 -8.36 21.74 23.92
N GLN A 197 -8.46 23.04 23.63
CA GLN A 197 -8.44 24.05 24.69
C GLN A 197 -9.59 23.87 25.67
N THR A 198 -10.68 23.27 25.19
CA THR A 198 -11.87 23.12 26.03
C THR A 198 -11.94 21.75 26.73
N ILE A 199 -10.86 20.98 26.66
CA ILE A 199 -10.83 19.68 27.31
C ILE A 199 -9.90 19.70 28.53
N PRO A 200 -10.48 19.53 29.73
CA PRO A 200 -9.76 19.77 30.97
C PRO A 200 -8.48 18.93 31.06
N ALA A 201 -8.57 17.67 30.63
CA ALA A 201 -7.44 16.77 30.64
C ALA A 201 -6.29 17.35 29.81
N PHE A 202 -6.64 18.03 28.73
CA PHE A 202 -5.61 18.63 27.90
C PHE A 202 -4.94 19.77 28.63
N GLN A 203 -5.74 20.65 29.24
CA GLN A 203 -5.17 21.74 30.06
C GLN A 203 -4.26 21.21 31.17
N LYS A 204 -4.71 20.19 31.89
CA LYS A 204 -3.89 19.53 32.91
C LYS A 204 -2.53 19.01 32.40
N SER A 205 -2.52 18.42 31.22
CA SER A 205 -1.30 17.86 30.66
C SER A 205 -0.42 18.99 30.11
N LEU A 206 -1.03 20.00 29.52
CA LEU A 206 -0.28 21.14 29.02
C LEU A 206 0.45 21.85 30.16
N ALA A 207 -0.19 21.91 31.32
CA ALA A 207 0.44 22.58 32.46
C ALA A 207 1.76 21.92 32.86
N LYS A 208 1.82 20.58 32.72
CA LYS A 208 3.02 19.83 33.07
C LYS A 208 4.09 19.93 31.99
N VAL A 209 3.63 19.93 30.75
CA VAL A 209 4.51 20.10 29.60
C VAL A 209 5.23 21.46 29.64
N ARG A 210 4.48 22.51 29.97
CA ARG A 210 5.05 23.85 30.16
C ARG A 210 6.16 23.86 31.23
N GLU A 211 5.92 23.13 32.32
CA GLU A 211 6.92 22.98 33.37
C GLU A 211 8.19 22.25 32.90
N GLU A 212 8.03 21.15 32.15
CA GLU A 212 9.17 20.39 31.63
C GLU A 212 10.05 21.19 30.67
N LEU A 213 9.41 21.87 29.73
CA LEU A 213 10.12 22.55 28.64
C LEU A 213 10.69 23.89 29.05
N ASN A 214 10.26 24.41 30.20
CA ASN A 214 10.83 25.66 30.70
C ASN A 214 11.77 25.43 31.89
N ASP A 215 11.86 24.18 32.33
CA ASP A 215 12.75 23.76 33.42
C ASP A 215 14.21 24.01 32.99
N LYS A 216 14.96 24.76 33.81
CA LYS A 216 16.33 25.13 33.46
C LYS A 216 17.17 23.88 33.28
N ASN A 217 16.81 22.82 33.99
CA ASN A 217 17.52 21.57 33.85
C ASN A 217 17.32 20.88 32.51
N ASN A 218 16.25 21.23 31.80
CA ASN A 218 15.98 20.60 30.50
C ASN A 218 16.43 21.45 29.29
N LEU A 219 16.81 22.70 29.54
CA LEU A 219 17.14 23.62 28.47
C LEU A 219 18.40 23.21 27.73
N LEU A 220 18.48 23.53 26.44
CA LEU A 220 19.61 23.09 25.64
C LEU A 220 20.78 24.07 25.74
N SER A 221 21.98 23.53 25.86
CA SER A 221 23.21 24.24 25.48
C SER A 221 23.70 25.20 26.57
N MET B 3 -12.19 49.16 26.02
CA MET B 3 -11.36 47.92 25.93
C MET B 3 -9.90 48.27 25.66
N GLN B 4 -8.99 47.45 26.16
CA GLN B 4 -7.58 47.60 25.84
C GLN B 4 -6.99 46.37 25.15
N PRO B 5 -6.00 46.59 24.27
CA PRO B 5 -5.47 45.51 23.44
C PRO B 5 -4.94 44.34 24.27
N PHE B 6 -5.15 43.12 23.81
CA PHE B 6 -4.68 41.96 24.57
C PHE B 6 -3.17 42.01 24.76
N HIS B 7 -2.46 42.46 23.74
CA HIS B 7 -1.02 42.64 23.83
C HIS B 7 -0.53 43.74 22.90
N SER B 8 0.76 44.01 22.97
CA SER B 8 1.36 45.04 22.13
C SER B 8 1.78 44.46 20.78
N PRO B 9 2.12 45.35 19.85
CA PRO B 9 2.52 44.91 18.53
C PRO B 9 3.73 43.99 18.58
N GLU B 10 4.59 44.17 19.58
CA GLU B 10 5.85 43.41 19.67
C GLU B 10 5.57 41.97 20.06
N GLU B 11 4.41 41.75 20.67
CA GLU B 11 4.09 40.44 21.26
C GLU B 11 3.32 39.52 20.32
N SER B 12 3.01 39.98 19.11
CA SER B 12 2.67 39.07 18.01
C SER B 12 3.94 38.35 17.59
N VAL B 13 3.77 37.14 17.08
CA VAL B 13 4.86 36.37 16.49
C VAL B 13 5.23 37.00 15.14
N ASN B 14 6.53 37.20 14.94
CA ASN B 14 7.04 37.87 13.74
C ASN B 14 6.74 37.09 12.47
N SER B 15 5.74 37.54 11.73
CA SER B 15 5.30 36.85 10.52
C SER B 15 6.32 36.86 9.39
N GLN B 16 7.20 37.85 9.38
CA GLN B 16 8.27 37.88 8.39
C GLN B 16 9.23 36.73 8.58
N PHE B 17 9.34 36.24 9.81
CA PHE B 17 10.27 35.16 10.13
C PHE B 17 9.75 33.81 9.67
N TYR B 18 8.48 33.53 9.92
CA TYR B 18 8.00 32.16 9.73
C TYR B 18 7.28 31.90 8.39
N LEU B 19 6.82 32.96 7.72
CA LEU B 19 6.19 32.77 6.40
C LEU B 19 7.24 32.66 5.31
N PRO B 20 6.97 31.87 4.26
CA PRO B 20 7.80 31.89 3.06
C PRO B 20 7.55 33.18 2.28
N PRO B 21 8.46 33.54 1.35
CA PRO B 21 8.13 34.61 0.41
C PRO B 21 6.91 34.22 -0.42
N PRO B 22 6.17 35.22 -0.90
CA PRO B 22 5.00 34.92 -1.75
C PRO B 22 5.43 34.31 -3.09
N PRO B 23 4.52 33.58 -3.76
CA PRO B 23 4.80 33.07 -5.10
C PRO B 23 5.23 34.17 -6.06
N GLY B 24 6.32 33.93 -6.77
CA GLY B 24 6.84 34.90 -7.71
C GLY B 24 6.60 34.50 -9.15
N ASN B 25 6.96 35.40 -10.06
CA ASN B 25 6.54 35.36 -11.46
C ASN B 25 6.41 33.96 -12.06
N ASP B 26 7.40 33.11 -11.82
CA ASP B 26 7.50 31.85 -12.53
C ASP B 26 6.93 30.65 -11.76
N ASP B 27 6.60 30.85 -10.49
CA ASP B 27 6.17 29.75 -9.62
C ASP B 27 4.82 29.18 -10.02
N PRO B 28 4.69 27.84 -9.94
CA PRO B 28 3.41 27.16 -10.10
C PRO B 28 2.30 27.67 -9.17
N ALA B 29 2.62 27.91 -7.90
CA ALA B 29 1.66 28.54 -7.01
C ALA B 29 1.18 29.88 -7.58
N PHE B 30 2.07 30.61 -8.23
CA PHE B 30 1.66 31.89 -8.80
C PHE B 30 0.76 31.72 -10.01
N ARG B 31 1.09 30.74 -10.85
CA ARG B 31 0.24 30.36 -11.97
C ARG B 31 -1.15 29.99 -11.45
N TYR B 32 -1.18 29.31 -10.31
CA TYR B 32 -2.44 28.97 -9.65
C TYR B 32 -3.17 30.21 -9.12
N ASP B 33 -2.42 31.13 -8.51
CA ASP B 33 -3.00 32.40 -8.06
C ASP B 33 -3.75 33.11 -9.19
N LYS B 34 -3.15 33.18 -10.37
CA LYS B 34 -3.77 33.85 -11.52
C LYS B 34 -5.03 33.10 -11.99
N GLU B 35 -4.93 31.79 -12.12
CA GLU B 35 -6.05 30.97 -12.53
C GLU B 35 -7.25 31.12 -11.59
N ALA B 36 -6.98 31.13 -10.29
CA ALA B 36 -8.04 31.29 -9.29
C ALA B 36 -8.59 32.71 -9.30
N TYR B 37 -7.74 33.69 -9.62
CA TYR B 37 -8.22 35.06 -9.85
C TYR B 37 -9.17 35.16 -11.05
N PHE B 38 -8.74 34.63 -12.19
CA PHE B 38 -9.56 34.67 -13.40
C PHE B 38 -10.91 33.99 -13.17
N LYS B 39 -10.90 32.83 -12.54
CA LYS B 39 -12.12 32.09 -12.26
C LYS B 39 -13.09 32.89 -11.38
N GLY B 40 -12.54 33.76 -10.53
CA GLY B 40 -13.38 34.55 -9.62
C GLY B 40 -13.96 35.79 -10.27
N TYR B 41 -13.18 36.45 -11.13
CA TYR B 41 -13.68 37.62 -11.85
C TYR B 41 -14.68 37.23 -12.92
N ALA B 42 -14.60 35.99 -13.40
CA ALA B 42 -15.44 35.52 -14.49
C ALA B 42 -16.90 35.39 -14.05
N ILE B 43 -17.12 35.38 -12.74
CA ILE B 43 -18.48 35.27 -12.20
C ILE B 43 -18.96 36.57 -11.58
N LYS B 44 -18.28 37.66 -11.92
CA LYS B 44 -18.78 38.99 -11.59
C LYS B 44 -20.30 39.07 -11.78
N GLY B 45 -20.99 39.53 -10.74
CA GLY B 45 -22.41 39.86 -10.87
C GLY B 45 -23.35 38.77 -10.40
N SER B 46 -22.82 37.56 -10.27
CA SER B 46 -23.63 36.43 -9.81
C SER B 46 -23.99 36.59 -8.34
N PRO B 47 -24.92 35.75 -7.84
CA PRO B 47 -25.15 35.52 -6.42
C PRO B 47 -23.86 35.37 -5.60
N ARG B 48 -23.04 34.38 -5.95
CA ARG B 48 -21.77 34.16 -5.24
C ARG B 48 -20.96 35.46 -5.10
N TRP B 49 -20.96 36.28 -6.14
CA TRP B 49 -20.23 37.55 -6.13
C TRP B 49 -20.86 38.53 -5.15
N LYS B 50 -22.19 38.47 -5.04
CA LYS B 50 -22.91 39.29 -4.06
C LYS B 50 -22.65 38.80 -2.64
N GLN B 51 -22.56 37.49 -2.46
CA GLN B 51 -22.19 36.97 -1.15
C GLN B 51 -20.78 37.39 -0.78
N ALA B 52 -19.86 37.33 -1.74
CA ALA B 52 -18.48 37.74 -1.51
C ALA B 52 -18.41 39.21 -1.15
N ALA B 53 -19.26 40.02 -1.77
CA ALA B 53 -19.27 41.46 -1.49
C ALA B 53 -19.64 41.69 -0.03
N GLU B 54 -20.55 40.88 0.48
CA GLU B 54 -20.95 40.98 1.87
C GLU B 54 -19.91 40.45 2.87
N ASP B 55 -19.11 39.47 2.46
CA ASP B 55 -18.06 38.93 3.33
C ASP B 55 -16.88 39.88 3.43
N ALA B 56 -16.76 40.78 2.46
CA ALA B 56 -15.55 41.58 2.29
C ALA B 56 -15.48 42.69 3.32
N ASP B 57 -16.62 43.04 3.89
CA ASP B 57 -16.73 44.14 4.85
C ASP B 57 -16.30 43.66 6.25
N ILE B 58 -15.12 44.08 6.70
CA ILE B 58 -14.61 43.64 8.00
C ILE B 58 -15.00 44.56 9.16
N SER B 59 -15.87 45.52 8.90
CA SER B 59 -16.42 46.33 9.99
C SER B 59 -17.03 45.41 11.04
N VAL B 60 -16.88 45.78 12.31
CA VAL B 60 -17.39 44.95 13.40
C VAL B 60 -18.89 44.67 13.27
N GLU B 61 -19.65 45.64 12.76
CA GLU B 61 -21.10 45.48 12.63
C GLU B 61 -21.41 44.35 11.65
N ASN B 62 -20.71 44.35 10.52
CA ASN B 62 -20.92 43.30 9.53
C ASN B 62 -20.38 41.94 10.01
N ILE B 63 -19.25 41.96 10.69
CA ILE B 63 -18.68 40.72 11.17
C ILE B 63 -19.64 40.06 12.16
N ALA B 64 -20.19 40.87 13.06
CA ALA B 64 -21.15 40.39 14.05
C ALA B 64 -22.42 39.84 13.40
N ARG B 65 -22.89 40.49 12.34
CA ARG B 65 -24.07 40.03 11.64
C ARG B 65 -23.85 38.64 11.02
N ILE B 66 -22.70 38.46 10.38
CA ILE B 66 -22.36 37.17 9.76
C ILE B 66 -22.21 36.03 10.78
N PHE B 67 -21.54 36.31 11.90
CA PHE B 67 -21.17 35.24 12.81
C PHE B 67 -22.30 34.86 13.76
N SER B 68 -23.24 35.79 13.93
CA SER B 68 -24.38 35.63 14.83
C SER B 68 -25.17 34.33 14.62
N PRO B 69 -25.67 34.11 13.40
CA PRO B 69 -26.44 32.91 13.12
C PRO B 69 -25.56 31.67 13.21
N VAL B 70 -24.27 31.85 12.98
CA VAL B 70 -23.33 30.73 12.89
C VAL B 70 -22.97 30.23 14.29
N VAL B 71 -22.74 31.15 15.21
CA VAL B 71 -22.47 30.79 16.60
C VAL B 71 -23.76 30.53 17.36
N GLY B 72 -24.88 30.94 16.77
CA GLY B 72 -26.19 30.74 17.37
C GLY B 72 -26.46 31.59 18.60
N ALA B 73 -26.09 32.86 18.55
CA ALA B 73 -26.47 33.82 19.57
C ALA B 73 -26.45 35.24 19.01
N LYS B 74 -27.08 36.17 19.72
CA LYS B 74 -27.08 37.58 19.34
C LYS B 74 -25.73 38.21 19.68
N ILE B 75 -25.17 38.96 18.75
CA ILE B 75 -23.98 39.76 19.05
C ILE B 75 -24.25 41.23 18.78
N ASN B 76 -24.33 42.01 19.85
CA ASN B 76 -24.48 43.47 19.74
C ASN B 76 -23.95 44.14 21.00
N PRO B 77 -23.66 45.46 20.92
CA PRO B 77 -23.00 46.18 22.00
C PRO B 77 -23.79 46.09 23.30
N LYS B 78 -25.10 45.91 23.18
CA LYS B 78 -25.99 46.00 24.32
C LYS B 78 -26.09 44.66 25.05
N ASP B 79 -26.34 43.59 24.31
CA ASP B 79 -26.62 42.30 24.91
C ASP B 79 -25.36 41.48 25.15
N THR B 80 -24.29 41.78 24.42
CA THR B 80 -23.04 41.03 24.55
C THR B 80 -21.85 41.96 24.47
N PRO B 81 -21.68 42.82 25.48
CA PRO B 81 -20.68 43.89 25.45
C PRO B 81 -19.22 43.40 25.37
N GLU B 82 -18.91 42.27 26.01
CA GLU B 82 -17.54 41.78 25.98
C GLU B 82 -17.22 41.06 24.66
N THR B 83 -18.17 40.27 24.18
CA THR B 83 -18.09 39.72 22.84
C THR B 83 -17.89 40.83 21.80
N TRP B 84 -18.63 41.92 21.94
CA TRP B 84 -18.44 43.08 21.07
C TRP B 84 -17.01 43.65 21.13
N ASN B 85 -16.48 43.83 22.34
CA ASN B 85 -15.08 44.23 22.50
C ASN B 85 -14.10 43.18 21.97
N MET B 86 -14.37 41.90 22.23
CA MET B 86 -13.53 40.80 21.74
C MET B 86 -13.39 40.83 20.21
N LEU B 87 -14.49 41.07 19.50
CA LEU B 87 -14.44 41.16 18.04
C LEU B 87 -13.53 42.29 17.58
N GLN B 88 -13.55 43.39 18.33
CA GLN B 88 -12.73 44.54 17.97
C GLN B 88 -11.27 44.30 18.33
N ASN B 89 -11.03 43.67 19.46
CA ASN B 89 -9.68 43.35 19.88
C ASN B 89 -8.96 42.43 18.91
N LEU B 90 -9.69 41.45 18.39
CA LEU B 90 -9.10 40.42 17.55
C LEU B 90 -8.84 40.93 16.15
N LEU B 91 -9.59 41.93 15.70
CA LEU B 91 -9.25 42.61 14.44
C LEU B 91 -7.88 43.28 14.54
N LYS B 92 -7.61 43.90 15.67
CA LYS B 92 -6.32 44.53 15.94
C LYS B 92 -5.20 43.50 16.09
N MET B 93 -5.46 42.47 16.90
CA MET B 93 -4.46 41.42 17.12
C MET B 93 -4.17 40.66 15.83
N GLY B 94 -5.22 40.26 15.12
CA GLY B 94 -5.08 39.31 14.03
C GLY B 94 -4.94 39.97 12.67
N GLY B 95 -5.80 40.95 12.42
CA GLY B 95 -5.76 41.72 11.17
C GLY B 95 -4.52 42.57 11.05
N TYR B 96 -4.10 43.20 12.14
CA TYR B 96 -3.02 44.17 12.08
C TYR B 96 -1.69 43.70 12.67
N TYR B 97 -1.64 43.47 13.97
CA TYR B 97 -0.37 43.12 14.63
C TYR B 97 0.27 41.86 14.05
N ALA B 98 -0.54 40.83 13.84
CA ALA B 98 -0.03 39.50 13.46
C ALA B 98 0.57 39.42 12.04
N THR B 99 0.15 40.32 11.16
CA THR B 99 0.56 40.26 9.76
C THR B 99 1.59 41.33 9.40
N ALA B 100 1.86 42.25 10.33
CA ALA B 100 2.45 43.55 9.99
C ALA B 100 3.85 43.47 9.39
N SER B 101 4.72 42.63 9.95
CA SER B 101 6.09 42.65 9.48
C SER B 101 6.24 41.99 8.13
N ALA B 102 5.48 40.94 7.87
CA ALA B 102 5.51 40.34 6.54
C ALA B 102 4.92 41.26 5.46
N LYS B 103 3.78 41.88 5.75
CA LYS B 103 3.14 42.83 4.81
C LYS B 103 4.12 43.92 4.40
N LYS B 104 4.65 44.63 5.39
CA LYS B 104 5.62 45.71 5.17
C LYS B 104 6.84 45.22 4.40
N TYR B 105 7.31 44.02 4.72
CA TYR B 105 8.52 43.51 4.11
C TYR B 105 8.36 43.16 2.63
N TYR B 106 7.20 42.67 2.23
CA TYR B 106 7.02 42.20 0.86
C TYR B 106 6.22 43.17 0.00
N MET B 107 5.24 43.84 0.60
CA MET B 107 4.43 44.80 -0.10
C MET B 107 3.89 44.22 -1.41
N ARG B 108 3.25 43.06 -1.33
CA ARG B 108 2.78 42.36 -2.51
C ARG B 108 1.63 43.09 -3.17
N THR B 109 1.71 43.22 -4.49
CA THR B 109 0.66 43.87 -5.26
C THR B 109 -0.60 43.00 -5.34
N ARG B 110 -1.76 43.61 -5.21
CA ARG B 110 -3.02 42.87 -5.21
C ARG B 110 -3.48 42.51 -6.63
N PRO B 111 -4.33 41.47 -6.74
CA PRO B 111 -4.71 40.96 -8.06
C PRO B 111 -5.41 42.00 -8.91
N PHE B 112 -6.35 42.74 -8.34
CA PHE B 112 -7.13 43.71 -9.12
C PHE B 112 -6.26 44.84 -9.72
N VAL B 113 -5.13 45.11 -9.07
CA VAL B 113 -4.20 46.12 -9.56
C VAL B 113 -3.35 45.55 -10.69
N LEU B 114 -2.95 44.29 -10.55
CA LEU B 114 -2.09 43.66 -11.54
C LEU B 114 -2.82 43.42 -12.88
N PHE B 115 -4.15 43.33 -12.82
CA PHE B 115 -4.98 43.14 -14.03
C PHE B 115 -5.96 44.28 -14.27
N ASN B 116 -5.67 45.44 -13.70
CA ASN B 116 -6.46 46.63 -14.02
C ASN B 116 -7.98 46.43 -13.92
N HIS B 117 -8.44 45.85 -12.82
CA HIS B 117 -9.88 45.62 -12.63
C HIS B 117 -10.43 46.30 -11.37
N SER B 118 -11.74 46.22 -11.22
CA SER B 118 -12.44 46.55 -9.98
C SER B 118 -12.51 45.32 -9.06
N THR B 119 -12.68 45.55 -7.75
CA THR B 119 -13.00 44.47 -6.81
C THR B 119 -14.50 44.38 -6.57
N CYS B 120 -14.92 43.42 -5.73
CA CYS B 120 -16.34 43.26 -5.39
C CYS B 120 -16.82 44.32 -4.38
N ARG B 121 -15.89 45.13 -3.88
CA ARG B 121 -16.23 46.15 -2.90
C ARG B 121 -15.43 47.44 -3.14
N PRO B 122 -15.83 48.21 -4.16
CA PRO B 122 -15.03 49.33 -4.63
C PRO B 122 -14.84 50.44 -3.57
N GLU B 123 -15.75 50.52 -2.62
CA GLU B 123 -15.67 51.54 -1.57
C GLU B 123 -14.44 51.34 -0.69
N ASP B 124 -13.83 50.15 -0.75
CA ASP B 124 -12.69 49.83 0.11
C ASP B 124 -11.40 49.85 -0.68
N GLU B 125 -11.48 50.07 -1.98
CA GLU B 125 -10.32 49.94 -2.85
C GLU B 125 -9.19 50.92 -2.55
N ASN B 126 -9.56 52.13 -2.12
CA ASN B 126 -8.56 53.15 -1.82
C ASN B 126 -7.60 52.75 -0.70
N THR B 127 -8.15 52.29 0.42
CA THR B 127 -7.33 51.75 1.50
C THR B 127 -6.45 50.62 1.00
N LEU B 128 -7.09 49.55 0.55
CA LEU B 128 -6.39 48.33 0.13
C LEU B 128 -5.20 48.57 -0.79
N ARG B 129 -5.32 49.57 -1.68
CA ARG B 129 -4.21 49.98 -2.55
C ARG B 129 -2.94 50.32 -1.77
N LYS B 130 -3.12 50.94 -0.61
CA LYS B 130 -1.99 51.41 0.18
C LYS B 130 -1.23 50.25 0.83
N ASP B 131 -1.88 49.09 0.88
CA ASP B 131 -1.45 48.04 1.79
C ASP B 131 -1.04 46.76 1.05
N GLY B 132 0.11 46.21 1.43
CA GLY B 132 0.57 44.93 0.90
C GLY B 132 -0.44 43.79 1.12
N SER B 133 -0.54 42.91 0.14
CA SER B 133 -1.54 41.84 0.08
C SER B 133 -1.22 40.67 1.05
N TYR B 134 0.07 40.43 1.28
CA TYR B 134 0.54 39.13 1.77
C TYR B 134 1.21 39.32 3.12
N PRO B 135 0.80 38.55 4.13
CA PRO B 135 -0.33 37.64 4.08
C PRO B 135 -1.63 38.40 4.32
N SER B 136 -2.76 37.75 4.06
CA SER B 136 -4.05 38.39 4.22
C SER B 136 -4.42 38.60 5.68
N GLY B 137 -4.51 39.87 6.09
CA GLY B 137 -5.00 40.22 7.41
C GLY B 137 -6.48 39.95 7.61
N HIS B 138 -7.27 40.10 6.53
CA HIS B 138 -8.70 39.80 6.60
C HIS B 138 -8.90 38.31 6.89
N ASP B 139 -8.07 37.46 6.29
CA ASP B 139 -8.18 36.03 6.52
C ASP B 139 -7.57 35.54 7.84
N ALA B 140 -6.48 36.20 8.26
CA ALA B 140 -5.91 35.97 9.58
C ALA B 140 -6.95 36.27 10.64
N TYR B 141 -7.67 37.38 10.44
CA TYR B 141 -8.71 37.82 11.38
C TYR B 141 -9.93 36.89 11.39
N SER B 142 -10.50 36.62 10.22
CA SER B 142 -11.69 35.79 10.18
C SER B 142 -11.44 34.33 10.67
N THR B 143 -10.21 33.84 10.49
CA THR B 143 -9.79 32.58 11.05
C THR B 143 -9.61 32.62 12.58
N LEU B 144 -8.94 33.66 13.06
CA LEU B 144 -8.78 33.83 14.50
C LEU B 144 -10.17 33.87 15.19
N LEU B 145 -11.07 34.64 14.60
CA LEU B 145 -12.41 34.79 15.14
C LEU B 145 -13.16 33.46 15.22
N ALA B 146 -13.10 32.68 14.13
CA ALA B 146 -13.75 31.38 14.05
C ALA B 146 -13.23 30.39 15.08
N LEU B 147 -11.91 30.38 15.27
CA LEU B 147 -11.31 29.57 16.32
C LEU B 147 -11.68 30.03 17.72
N VAL B 148 -11.58 31.33 17.97
CA VAL B 148 -11.90 31.84 19.31
C VAL B 148 -13.38 31.55 19.67
N LEU B 149 -14.29 31.70 18.71
CA LEU B 149 -15.68 31.41 19.00
C LEU B 149 -15.94 29.92 19.20
N SER B 150 -15.13 29.10 18.55
CA SER B 150 -15.19 27.64 18.70
C SER B 150 -14.77 27.26 20.11
N GLN B 151 -13.86 28.03 20.68
CA GLN B 151 -13.44 27.85 22.06
C GLN B 151 -14.57 28.19 23.04
N ALA B 152 -15.41 29.16 22.65
CA ALA B 152 -16.51 29.63 23.52
C ALA B 152 -17.78 28.79 23.40
N ARG B 153 -18.11 28.38 22.17
CA ARG B 153 -19.24 27.47 21.96
C ARG B 153 -18.83 26.26 21.14
N PRO B 154 -18.13 25.32 21.79
CA PRO B 154 -17.53 24.22 21.05
C PRO B 154 -18.56 23.35 20.33
N GLU B 155 -19.84 23.47 20.68
CA GLU B 155 -20.84 22.65 19.99
C GLU B 155 -21.22 23.21 18.61
N ARG B 156 -20.85 24.46 18.34
CA ARG B 156 -20.98 25.03 17.00
C ARG B 156 -19.66 25.03 16.18
N ALA B 157 -18.67 24.26 16.62
CA ALA B 157 -17.32 24.28 16.02
C ALA B 157 -17.31 23.91 14.54
N GLN B 158 -18.13 22.95 14.13
CA GLN B 158 -18.16 22.54 12.72
C GLN B 158 -18.70 23.64 11.79
N GLU B 159 -19.75 24.33 12.23
CA GLU B 159 -20.31 25.46 11.48
C GLU B 159 -19.32 26.64 11.40
N LEU B 160 -18.65 26.93 12.51
CA LEU B 160 -17.65 28.00 12.57
C LEU B 160 -16.42 27.68 11.70
N ALA B 161 -15.95 26.44 11.76
CA ALA B 161 -14.88 25.97 10.88
C ALA B 161 -15.24 26.09 9.39
N ARG B 162 -16.48 25.74 9.06
CA ARG B 162 -16.91 25.85 7.68
C ARG B 162 -16.96 27.31 7.23
N ARG B 163 -17.60 28.15 8.04
CA ARG B 163 -17.71 29.58 7.75
C ARG B 163 -16.33 30.23 7.57
N GLY B 164 -15.39 29.88 8.45
CA GLY B 164 -14.00 30.33 8.34
C GLY B 164 -13.35 29.98 7.03
N TRP B 165 -13.54 28.75 6.56
CA TRP B 165 -13.07 28.39 5.24
C TRP B 165 -13.71 29.26 4.15
N GLU B 166 -15.04 29.39 4.17
CA GLU B 166 -15.79 30.09 3.12
C GLU B 166 -15.37 31.55 2.94
N PHE B 167 -15.03 32.21 4.05
CA PHE B 167 -14.49 33.56 3.99
C PHE B 167 -13.31 33.67 3.03
N GLY B 168 -12.36 32.74 3.14
CA GLY B 168 -11.26 32.66 2.21
C GLY B 168 -11.69 32.62 0.75
N GLN B 169 -12.70 31.83 0.45
CA GLN B 169 -13.17 31.65 -0.93
C GLN B 169 -13.76 32.95 -1.45
N SER B 170 -14.53 33.63 -0.59
CA SER B 170 -15.02 34.98 -0.88
C SER B 170 -13.92 36.00 -1.17
N ARG B 171 -12.82 35.94 -0.43
CA ARG B 171 -11.71 36.88 -0.61
C ARG B 171 -11.04 36.70 -1.96
N VAL B 172 -10.85 35.44 -2.36
CA VAL B 172 -10.28 35.14 -3.68
C VAL B 172 -11.20 35.63 -4.79
N ILE B 173 -12.51 35.43 -4.63
CA ILE B 173 -13.49 35.88 -5.61
C ILE B 173 -13.57 37.41 -5.69
N CYS B 174 -13.48 38.09 -4.55
CA CYS B 174 -13.60 39.54 -4.52
C CYS B 174 -12.44 40.24 -5.23
N GLY B 175 -11.29 39.58 -5.28
CA GLY B 175 -10.19 40.07 -6.11
C GLY B 175 -9.20 40.99 -5.44
N ALA B 176 -9.31 41.17 -4.12
CA ALA B 176 -8.33 41.96 -3.38
C ALA B 176 -7.15 41.15 -2.83
N HIS B 177 -7.26 39.83 -2.90
CA HIS B 177 -6.24 38.96 -2.33
C HIS B 177 -6.01 37.80 -3.28
N TRP B 178 -4.78 37.29 -3.31
CA TRP B 178 -4.48 36.09 -4.05
C TRP B 178 -4.79 34.88 -3.18
N GLN B 179 -4.95 33.72 -3.83
CA GLN B 179 -5.18 32.48 -3.09
C GLN B 179 -4.06 32.23 -2.08
N SER B 180 -2.83 32.56 -2.46
CA SER B 180 -1.69 32.29 -1.58
C SER B 180 -1.65 33.25 -0.37
N ASP B 181 -2.22 34.45 -0.51
CA ASP B 181 -2.39 35.37 0.62
C ASP B 181 -3.33 34.77 1.65
N VAL B 182 -4.38 34.15 1.13
CA VAL B 182 -5.47 33.63 1.95
C VAL B 182 -4.98 32.43 2.75
N ASP B 183 -4.26 31.52 2.09
CA ASP B 183 -3.66 30.37 2.77
C ASP B 183 -2.68 30.79 3.86
N ALA B 184 -1.87 31.81 3.58
CA ALA B 184 -0.87 32.26 4.53
C ALA B 184 -1.56 32.98 5.68
N GLY B 185 -2.65 33.67 5.37
CA GLY B 185 -3.42 34.36 6.40
C GLY B 185 -4.11 33.42 7.38
N ARG B 186 -4.58 32.28 6.88
CA ARG B 186 -5.20 31.26 7.74
C ARG B 186 -4.20 30.75 8.78
N TYR B 187 -2.97 30.51 8.34
CA TYR B 187 -1.94 30.00 9.21
C TYR B 187 -1.54 31.06 10.23
N VAL B 188 -1.39 32.30 9.77
CA VAL B 188 -1.11 33.40 10.68
C VAL B 188 -2.16 33.50 11.78
N GLY B 189 -3.44 33.40 11.39
CA GLY B 189 -4.52 33.45 12.37
C GLY B 189 -4.44 32.37 13.44
N ALA B 190 -4.03 31.16 13.05
CA ALA B 190 -3.77 30.07 13.99
C ALA B 190 -2.58 30.31 14.92
N VAL B 191 -1.52 30.92 14.38
CA VAL B 191 -0.33 31.24 15.16
C VAL B 191 -0.65 32.31 16.24
N GLU B 192 -1.42 33.33 15.84
CA GLU B 192 -1.89 34.34 16.80
C GLU B 192 -2.85 33.74 17.85
N PHE B 193 -3.71 32.83 17.41
CA PHE B 193 -4.60 32.12 18.33
C PHE B 193 -3.84 31.39 19.45
N ALA B 194 -2.76 30.71 19.10
CA ALA B 194 -1.95 30.01 20.10
C ALA B 194 -1.29 31.01 21.06
N ARG B 195 -0.81 32.12 20.52
CA ARG B 195 -0.13 33.15 21.31
C ARG B 195 -1.11 33.79 22.30
N LEU B 196 -2.33 34.07 21.85
CA LEU B 196 -3.35 34.60 22.76
C LEU B 196 -3.65 33.67 23.95
N GLN B 197 -3.56 32.35 23.74
CA GLN B 197 -3.84 31.43 24.85
C GLN B 197 -2.96 31.72 26.07
N THR B 198 -1.80 32.34 25.85
CA THR B 198 -0.82 32.52 26.92
C THR B 198 -0.98 33.85 27.65
N ILE B 199 -1.99 34.62 27.30
CA ILE B 199 -2.14 35.99 27.79
C ILE B 199 -3.38 36.05 28.69
N PRO B 200 -3.17 36.35 29.99
CA PRO B 200 -4.23 36.39 31.00
C PRO B 200 -5.43 37.25 30.62
N ALA B 201 -5.17 38.45 30.09
CA ALA B 201 -6.23 39.34 29.64
C ALA B 201 -7.14 38.67 28.63
N PHE B 202 -6.58 37.88 27.72
CA PHE B 202 -7.40 37.13 26.77
C PHE B 202 -8.24 36.07 27.47
N GLN B 203 -7.62 35.34 28.38
CA GLN B 203 -8.37 34.32 29.14
C GLN B 203 -9.51 34.94 29.96
N LYS B 204 -9.23 36.03 30.67
CA LYS B 204 -10.29 36.71 31.40
C LYS B 204 -11.43 37.11 30.46
N SER B 205 -11.07 37.72 29.34
CA SER B 205 -12.09 38.16 28.40
C SER B 205 -12.84 37.00 27.75
N LEU B 206 -12.15 35.90 27.46
CA LEU B 206 -12.82 34.75 26.87
C LEU B 206 -13.86 34.16 27.83
N ALA B 207 -13.56 34.20 29.13
CA ALA B 207 -14.46 33.64 30.14
C ALA B 207 -15.79 34.39 30.19
N LYS B 208 -15.75 35.70 29.96
CA LYS B 208 -16.96 36.50 29.91
C LYS B 208 -17.73 36.27 28.62
N VAL B 209 -17.01 36.25 27.50
CA VAL B 209 -17.59 35.88 26.22
C VAL B 209 -18.35 34.55 26.29
N ARG B 210 -17.75 33.57 26.97
CA ARG B 210 -18.36 32.24 27.08
C ARG B 210 -19.71 32.32 27.79
N GLU B 211 -19.74 33.08 28.89
CA GLU B 211 -20.99 33.40 29.59
C GLU B 211 -22.04 34.08 28.70
N GLU B 212 -21.67 35.19 28.08
CA GLU B 212 -22.59 35.95 27.24
C GLU B 212 -23.22 35.07 26.17
N LEU B 213 -22.42 34.18 25.59
CA LEU B 213 -22.84 33.50 24.37
C LEU B 213 -23.63 32.25 24.66
N ASN B 214 -23.57 31.77 25.90
CA ASN B 214 -24.33 30.60 26.33
C ASN B 214 -25.50 31.00 27.24
N ASP B 215 -25.70 32.30 27.38
CA ASP B 215 -26.79 32.87 28.19
C ASP B 215 -28.11 32.68 27.45
N LYS B 216 -29.08 32.07 28.13
CA LYS B 216 -30.38 31.75 27.54
C LYS B 216 -31.07 32.96 26.88
N ASN B 217 -30.86 34.15 27.43
CA ASN B 217 -31.43 35.37 26.85
C ASN B 217 -30.86 35.74 25.48
N ASN B 218 -29.73 35.13 25.13
CA ASN B 218 -28.99 35.53 23.94
C ASN B 218 -28.99 34.46 22.85
N LEU B 219 -29.42 33.26 23.21
CA LEU B 219 -29.48 32.16 22.27
C LEU B 219 -30.43 32.47 21.11
N LEU B 220 -30.30 31.69 20.02
CA LEU B 220 -30.69 32.16 18.69
C LEU B 220 -30.48 31.06 17.65
N SER B 221 -31.34 31.04 16.64
CA SER B 221 -31.22 30.06 15.56
C SER B 221 -31.59 30.66 14.20
N MET C 3 17.49 -35.32 -33.06
CA MET C 3 17.42 -35.01 -31.60
C MET C 3 18.56 -34.09 -31.16
N GLN C 4 18.39 -32.80 -31.42
CA GLN C 4 19.24 -31.79 -30.81
C GLN C 4 18.52 -31.13 -29.63
N PRO C 5 19.23 -30.95 -28.51
CA PRO C 5 18.76 -30.26 -27.32
C PRO C 5 18.00 -28.98 -27.66
N PHE C 6 16.90 -28.72 -26.95
CA PHE C 6 16.11 -27.51 -27.19
C PHE C 6 16.89 -26.25 -26.79
N HIS C 7 17.73 -26.39 -25.77
CA HIS C 7 18.55 -25.27 -25.32
C HIS C 7 19.77 -25.76 -24.52
N SER C 8 20.68 -24.85 -24.23
CA SER C 8 21.92 -25.17 -23.54
C SER C 8 21.72 -25.18 -22.02
N PRO C 9 22.68 -25.77 -21.30
CA PRO C 9 22.66 -25.74 -19.83
C PRO C 9 22.43 -24.35 -19.26
N GLU C 10 22.93 -23.31 -19.92
CA GLU C 10 22.91 -21.96 -19.36
C GLU C 10 21.58 -21.27 -19.56
N GLU C 11 20.74 -21.84 -20.41
CA GLU C 11 19.47 -21.20 -20.72
C GLU C 11 18.32 -21.81 -19.92
N SER C 12 18.65 -22.74 -19.05
CA SER C 12 17.76 -23.12 -17.97
C SER C 12 17.68 -21.99 -16.94
N VAL C 13 16.55 -21.90 -16.26
CA VAL C 13 16.41 -20.94 -15.18
C VAL C 13 17.23 -21.45 -13.99
N ASN C 14 17.98 -20.55 -13.37
CA ASN C 14 18.95 -20.95 -12.35
C ASN C 14 18.26 -21.43 -11.06
N SER C 15 18.24 -22.73 -10.84
CA SER C 15 17.45 -23.31 -9.76
C SER C 15 17.98 -22.94 -8.37
N GLN C 16 19.28 -22.67 -8.28
CA GLN C 16 19.89 -22.28 -7.02
C GLN C 16 19.40 -20.93 -6.54
N PHE C 17 18.93 -20.11 -7.47
CA PHE C 17 18.50 -18.75 -7.15
C PHE C 17 17.06 -18.72 -6.61
N TYR C 18 16.18 -19.56 -7.14
CA TYR C 18 14.77 -19.44 -6.78
C TYR C 18 14.25 -20.44 -5.75
N LEU C 19 15.03 -21.48 -5.47
CA LEU C 19 14.60 -22.46 -4.48
C LEU C 19 15.17 -22.11 -3.11
N PRO C 20 14.42 -22.44 -2.05
CA PRO C 20 15.01 -22.30 -0.74
C PRO C 20 15.99 -23.44 -0.56
N PRO C 21 16.89 -23.34 0.41
CA PRO C 21 17.75 -24.44 0.80
C PRO C 21 16.94 -25.61 1.38
N PRO C 22 17.52 -26.82 1.37
CA PRO C 22 16.86 -27.97 1.96
C PRO C 22 16.97 -27.93 3.49
N PRO C 23 16.06 -28.61 4.19
CA PRO C 23 15.92 -28.61 5.65
C PRO C 23 17.11 -29.20 6.39
N GLY C 24 17.47 -28.60 7.53
CA GLY C 24 18.46 -29.18 8.42
C GLY C 24 17.79 -30.19 9.33
N ASN C 25 18.59 -31.04 9.96
CA ASN C 25 18.04 -32.12 10.80
C ASN C 25 17.15 -31.61 11.93
N ASP C 26 17.21 -30.31 12.19
CA ASP C 26 16.55 -29.68 13.34
C ASP C 26 15.22 -29.09 12.89
N ASP C 27 14.93 -29.23 11.61
CA ASP C 27 13.83 -28.54 10.97
C ASP C 27 12.61 -29.45 10.94
N PRO C 28 11.41 -28.88 11.15
CA PRO C 28 10.19 -29.69 11.13
C PRO C 28 9.98 -30.30 9.76
N ALA C 29 10.52 -29.65 8.74
CA ALA C 29 10.33 -30.18 7.41
C ALA C 29 11.19 -31.43 7.18
N PHE C 30 12.35 -31.49 7.82
CA PHE C 30 13.16 -32.71 7.80
C PHE C 30 12.49 -33.85 8.59
N ARG C 31 11.82 -33.50 9.69
CA ARG C 31 11.06 -34.48 10.46
C ARG C 31 9.98 -35.10 9.58
N TYR C 32 9.38 -34.27 8.75
CA TYR C 32 8.37 -34.76 7.83
C TYR C 32 9.02 -35.63 6.74
N ASP C 33 10.18 -35.19 6.26
CA ASP C 33 10.96 -35.96 5.28
C ASP C 33 11.23 -37.38 5.78
N LYS C 34 11.63 -37.48 7.04
CA LYS C 34 12.08 -38.76 7.53
C LYS C 34 10.95 -39.70 7.96
N GLU C 35 9.86 -39.12 8.47
CA GLU C 35 8.66 -39.92 8.72
C GLU C 35 8.10 -40.46 7.40
N ALA C 36 8.10 -39.61 6.38
CA ALA C 36 7.63 -40.01 5.07
C ALA C 36 8.51 -41.10 4.45
N TYR C 37 9.81 -41.01 4.67
CA TYR C 37 10.74 -42.07 4.24
C TYR C 37 10.44 -43.43 4.92
N PHE C 38 10.41 -43.44 6.24
CA PHE C 38 10.13 -44.67 7.00
C PHE C 38 8.73 -45.22 6.76
N LYS C 39 7.78 -44.34 6.49
CA LYS C 39 6.43 -44.75 6.15
C LYS C 39 6.48 -45.54 4.84
N GLY C 40 7.37 -45.11 3.95
CA GLY C 40 7.48 -45.74 2.64
C GLY C 40 8.22 -47.05 2.76
N TYR C 41 9.25 -47.05 3.60
CA TYR C 41 10.09 -48.22 3.78
C TYR C 41 9.33 -49.32 4.51
N ALA C 42 8.28 -48.93 5.23
CA ALA C 42 7.45 -49.89 5.96
C ALA C 42 6.64 -50.83 5.05
N ILE C 43 6.34 -50.39 3.82
CA ILE C 43 5.51 -51.19 2.90
C ILE C 43 6.30 -51.94 1.82
N LYS C 44 7.58 -52.15 2.06
CA LYS C 44 8.40 -52.85 1.08
C LYS C 44 7.79 -54.24 0.79
N GLY C 45 7.74 -54.61 -0.48
CA GLY C 45 7.20 -55.92 -0.85
C GLY C 45 5.71 -55.91 -1.10
N SER C 46 5.04 -54.82 -0.72
CA SER C 46 3.63 -54.67 -1.05
C SER C 46 3.50 -54.32 -2.53
N PRO C 47 2.28 -54.47 -3.08
CA PRO C 47 1.98 -54.06 -4.45
C PRO C 47 2.44 -52.63 -4.76
N ARG C 48 2.19 -51.70 -3.83
CA ARG C 48 2.47 -50.28 -4.07
C ARG C 48 3.97 -50.03 -4.13
N TRP C 49 4.72 -50.79 -3.34
CA TRP C 49 6.18 -50.80 -3.46
C TRP C 49 6.61 -51.35 -4.82
N LYS C 50 5.86 -52.32 -5.35
CA LYS C 50 6.17 -52.89 -6.66
C LYS C 50 5.85 -51.87 -7.74
N GLN C 51 4.76 -51.15 -7.55
CA GLN C 51 4.40 -50.08 -8.44
C GLN C 51 5.48 -49.02 -8.45
N ALA C 52 6.02 -48.70 -7.27
CA ALA C 52 7.08 -47.70 -7.20
C ALA C 52 8.34 -48.14 -7.96
N ALA C 53 8.65 -49.43 -7.89
CA ALA C 53 9.80 -49.92 -8.64
C ALA C 53 9.58 -49.82 -10.15
N GLU C 54 8.33 -49.99 -10.58
CA GLU C 54 8.01 -49.82 -12.00
C GLU C 54 8.05 -48.37 -12.46
N ASP C 55 7.74 -47.45 -11.54
CA ASP C 55 7.81 -46.01 -11.81
C ASP C 55 9.25 -45.48 -11.82
N ALA C 56 10.16 -46.20 -11.15
CA ALA C 56 11.48 -45.67 -10.84
C ALA C 56 12.43 -45.52 -12.02
N ASP C 57 12.25 -46.34 -13.05
CA ASP C 57 13.14 -46.34 -14.22
C ASP C 57 12.82 -45.16 -15.13
N ILE C 58 13.79 -44.26 -15.33
CA ILE C 58 13.59 -43.09 -16.20
C ILE C 58 14.00 -43.33 -17.65
N SER C 59 14.34 -44.56 -17.99
CA SER C 59 14.63 -44.91 -19.38
C SER C 59 13.44 -44.58 -20.29
N VAL C 60 13.73 -44.13 -21.51
CA VAL C 60 12.69 -43.72 -22.44
C VAL C 60 11.68 -44.84 -22.70
N GLU C 61 12.16 -46.08 -22.74
CA GLU C 61 11.29 -47.24 -22.97
C GLU C 61 10.25 -47.38 -21.88
N ASN C 62 10.68 -47.32 -20.63
CA ASN C 62 9.77 -47.46 -19.49
C ASN C 62 8.79 -46.28 -19.44
N ILE C 63 9.29 -45.09 -19.71
CA ILE C 63 8.47 -43.87 -19.64
C ILE C 63 7.37 -43.88 -20.69
N ALA C 64 7.72 -44.28 -21.91
CA ALA C 64 6.76 -44.56 -22.98
C ALA C 64 5.71 -45.57 -22.54
N ARG C 65 6.16 -46.68 -21.95
CA ARG C 65 5.22 -47.70 -21.50
C ARG C 65 4.22 -47.15 -20.47
N ILE C 66 4.70 -46.26 -19.61
CA ILE C 66 3.85 -45.72 -18.56
C ILE C 66 2.85 -44.70 -19.10
N PHE C 67 3.31 -43.78 -19.93
CA PHE C 67 2.46 -42.68 -20.40
C PHE C 67 1.49 -43.03 -21.53
N SER C 68 1.83 -44.08 -22.26
CA SER C 68 1.06 -44.53 -23.42
C SER C 68 -0.45 -44.75 -23.10
N PRO C 69 -0.76 -45.60 -22.12
CA PRO C 69 -2.16 -45.78 -21.72
C PRO C 69 -2.77 -44.49 -21.17
N VAL C 70 -1.92 -43.60 -20.65
CA VAL C 70 -2.44 -42.37 -20.06
C VAL C 70 -2.89 -41.32 -21.10
N VAL C 71 -2.06 -41.07 -22.11
CA VAL C 71 -2.46 -40.19 -23.21
C VAL C 71 -3.39 -40.89 -24.20
N GLY C 72 -3.42 -42.22 -24.16
CA GLY C 72 -4.32 -42.99 -25.01
C GLY C 72 -3.85 -43.14 -26.44
N ALA C 73 -2.54 -43.19 -26.64
CA ALA C 73 -1.94 -43.31 -27.95
C ALA C 73 -0.69 -44.13 -27.83
N LYS C 74 -0.39 -44.90 -28.87
CA LYS C 74 0.91 -45.59 -28.93
C LYS C 74 2.02 -44.57 -28.83
N ILE C 75 3.11 -44.94 -28.17
CA ILE C 75 4.33 -44.14 -28.24
C ILE C 75 5.48 -45.08 -28.51
N ASN C 76 6.06 -45.00 -29.70
CA ASN C 76 7.25 -45.80 -30.02
C ASN C 76 8.07 -45.13 -31.12
N PRO C 77 9.30 -45.62 -31.34
CA PRO C 77 10.23 -44.92 -32.22
C PRO C 77 9.80 -44.97 -33.68
N LYS C 78 8.86 -45.86 -33.99
CA LYS C 78 8.40 -46.02 -35.37
C LYS C 78 7.16 -45.17 -35.63
N ASP C 79 6.15 -45.29 -34.78
CA ASP C 79 4.87 -44.64 -35.02
C ASP C 79 4.94 -43.16 -34.64
N THR C 80 5.68 -42.87 -33.57
CA THR C 80 5.70 -41.52 -33.01
C THR C 80 7.13 -41.08 -32.82
N PRO C 81 7.86 -40.95 -33.94
CA PRO C 81 9.29 -40.65 -33.89
C PRO C 81 9.56 -39.32 -33.20
N GLU C 82 8.73 -38.32 -33.45
CA GLU C 82 8.96 -37.01 -32.84
C GLU C 82 8.68 -37.01 -31.32
N THR C 83 7.58 -37.63 -30.93
CA THR C 83 7.29 -37.84 -29.53
C THR C 83 8.45 -38.57 -28.86
N TRP C 84 9.02 -39.52 -29.57
CA TRP C 84 10.09 -40.34 -29.02
C TRP C 84 11.31 -39.51 -28.68
N ASN C 85 11.72 -38.63 -29.60
CA ASN C 85 12.76 -37.63 -29.32
C ASN C 85 12.41 -36.64 -28.21
N MET C 86 11.15 -36.19 -28.17
CA MET C 86 10.65 -35.29 -27.12
C MET C 86 10.80 -35.87 -25.71
N LEU C 87 10.45 -37.15 -25.52
CA LEU C 87 10.71 -37.79 -24.23
C LEU C 87 12.16 -37.67 -23.82
N GLN C 88 13.07 -37.84 -24.78
CA GLN C 88 14.51 -37.82 -24.50
C GLN C 88 15.03 -36.41 -24.29
N ASN C 89 14.63 -35.48 -25.17
CA ASN C 89 14.98 -34.08 -24.98
C ASN C 89 14.57 -33.54 -23.60
N LEU C 90 13.39 -33.91 -23.12
CA LEU C 90 12.86 -33.36 -21.87
C LEU C 90 13.57 -33.93 -20.64
N LEU C 91 14.05 -35.17 -20.76
CA LEU C 91 14.95 -35.72 -19.74
C LEU C 91 16.20 -34.86 -19.55
N LYS C 92 16.83 -34.48 -20.65
CA LYS C 92 17.96 -33.58 -20.62
C LYS C 92 17.60 -32.20 -20.05
N MET C 93 16.56 -31.58 -20.63
CA MET C 93 16.10 -30.26 -20.22
C MET C 93 15.65 -30.22 -18.77
N GLY C 94 14.76 -31.12 -18.40
CA GLY C 94 14.08 -31.05 -17.10
C GLY C 94 14.84 -31.80 -16.03
N GLY C 95 15.24 -33.03 -16.35
CA GLY C 95 15.95 -33.88 -15.39
C GLY C 95 17.34 -33.39 -15.04
N TYR C 96 18.04 -32.82 -16.02
CA TYR C 96 19.45 -32.44 -15.84
C TYR C 96 19.70 -30.93 -15.81
N TYR C 97 19.38 -30.22 -16.89
CA TYR C 97 19.70 -28.79 -16.93
C TYR C 97 18.94 -27.95 -15.90
N ALA C 98 17.66 -28.25 -15.71
CA ALA C 98 16.84 -27.37 -14.89
C ALA C 98 17.20 -27.46 -13.41
N THR C 99 17.78 -28.59 -13.01
CA THR C 99 18.04 -28.86 -11.60
C THR C 99 19.51 -28.69 -11.22
N ALA C 100 20.38 -28.55 -12.22
CA ALA C 100 21.80 -28.82 -12.02
C ALA C 100 22.47 -27.86 -11.02
N SER C 101 22.18 -26.57 -11.10
CA SER C 101 22.91 -25.62 -10.27
C SER C 101 22.56 -25.73 -8.77
N ALA C 102 21.30 -25.96 -8.44
CA ALA C 102 20.92 -26.25 -7.05
C ALA C 102 21.47 -27.59 -6.59
N LYS C 103 21.40 -28.61 -7.45
CA LYS C 103 21.85 -29.96 -7.09
C LYS C 103 23.32 -29.92 -6.63
N LYS C 104 24.15 -29.29 -7.45
CA LYS C 104 25.59 -29.23 -7.24
C LYS C 104 25.93 -28.32 -6.07
N TYR C 105 25.09 -27.31 -5.82
CA TYR C 105 25.31 -26.39 -4.72
C TYR C 105 25.17 -27.02 -3.34
N TYR C 106 24.08 -27.74 -3.11
CA TYR C 106 23.79 -28.33 -1.80
C TYR C 106 24.30 -29.75 -1.66
N MET C 107 24.43 -30.44 -2.78
CA MET C 107 24.84 -31.86 -2.80
C MET C 107 24.16 -32.66 -1.67
N ARG C 108 22.83 -32.72 -1.68
CA ARG C 108 22.09 -33.28 -0.55
C ARG C 108 22.20 -34.80 -0.53
N THR C 109 22.47 -35.36 0.65
CA THR C 109 22.55 -36.81 0.80
C THR C 109 21.17 -37.46 0.76
N ARG C 110 21.09 -38.54 -0.01
CA ARG C 110 19.85 -39.27 -0.26
C ARG C 110 19.55 -40.15 0.93
N PRO C 111 18.25 -40.41 1.18
CA PRO C 111 17.81 -41.12 2.39
C PRO C 111 18.33 -42.56 2.53
N PHE C 112 18.21 -43.38 1.48
CA PHE C 112 18.72 -44.75 1.54
C PHE C 112 20.21 -44.79 1.89
N VAL C 113 20.93 -43.73 1.53
CA VAL C 113 22.36 -43.67 1.79
C VAL C 113 22.60 -43.30 3.25
N LEU C 114 21.81 -42.38 3.76
CA LEU C 114 21.96 -41.90 5.12
C LEU C 114 21.58 -43.00 6.12
N PHE C 115 20.57 -43.79 5.79
CA PHE C 115 20.10 -44.83 6.70
C PHE C 115 20.58 -46.22 6.28
N ASN C 116 21.40 -46.28 5.24
CA ASN C 116 21.94 -47.55 4.74
C ASN C 116 20.86 -48.59 4.46
N HIS C 117 19.90 -48.24 3.58
CA HIS C 117 18.92 -49.22 3.13
C HIS C 117 19.00 -49.41 1.63
N SER C 118 18.37 -50.46 1.17
CA SER C 118 18.14 -50.68 -0.23
C SER C 118 16.97 -49.80 -0.69
N THR C 119 17.07 -49.20 -1.86
CA THR C 119 15.90 -48.61 -2.51
C THR C 119 15.03 -49.67 -3.16
N CYS C 120 13.97 -49.22 -3.82
CA CYS C 120 13.10 -50.12 -4.57
C CYS C 120 13.70 -50.49 -5.93
N ARG C 121 14.82 -49.87 -6.27
CA ARG C 121 15.45 -50.15 -7.55
C ARG C 121 16.98 -50.19 -7.46
N PRO C 122 17.52 -51.24 -6.85
CA PRO C 122 18.96 -51.31 -6.54
C PRO C 122 19.88 -51.04 -7.73
N GLU C 123 19.46 -51.42 -8.93
CA GLU C 123 20.30 -51.25 -10.12
C GLU C 123 20.75 -49.80 -10.36
N ASP C 124 19.92 -48.83 -9.97
CA ASP C 124 20.25 -47.44 -10.23
C ASP C 124 21.06 -46.80 -9.12
N GLU C 125 21.27 -47.53 -8.02
CA GLU C 125 21.83 -46.94 -6.82
C GLU C 125 23.21 -46.31 -6.98
N ASN C 126 24.03 -46.87 -7.87
CA ASN C 126 25.41 -46.41 -8.00
C ASN C 126 25.54 -45.05 -8.69
N THR C 127 24.76 -44.84 -9.74
CA THR C 127 24.64 -43.52 -10.34
C THR C 127 24.03 -42.50 -9.37
N LEU C 128 22.96 -42.89 -8.68
CA LEU C 128 22.23 -41.96 -7.82
C LEU C 128 23.10 -41.45 -6.68
N ARG C 129 24.08 -42.25 -6.27
CA ARG C 129 24.99 -41.89 -5.19
C ARG C 129 25.88 -40.71 -5.56
N LYS C 130 26.14 -40.55 -6.85
CA LYS C 130 27.09 -39.54 -7.32
C LYS C 130 26.45 -38.15 -7.43
N ASP C 131 25.15 -38.09 -7.15
CA ASP C 131 24.33 -37.00 -7.59
C ASP C 131 23.49 -36.48 -6.42
N GLY C 132 23.53 -35.16 -6.21
CA GLY C 132 22.75 -34.53 -5.15
C GLY C 132 21.25 -34.76 -5.29
N SER C 133 20.60 -34.97 -4.14
CA SER C 133 19.18 -35.32 -4.02
C SER C 133 18.27 -34.16 -4.46
N TYR C 134 18.66 -32.94 -4.08
CA TYR C 134 17.75 -31.79 -4.01
C TYR C 134 18.09 -30.75 -5.10
N PRO C 135 17.10 -30.33 -5.91
CA PRO C 135 15.75 -30.87 -6.01
C PRO C 135 15.76 -32.15 -6.85
N SER C 136 14.66 -32.89 -6.83
CA SER C 136 14.60 -34.15 -7.56
C SER C 136 14.53 -33.92 -9.08
N GLY C 137 15.51 -34.47 -9.80
CA GLY C 137 15.51 -34.37 -11.25
C GLY C 137 14.50 -35.32 -11.90
N HIS C 138 14.27 -36.45 -11.25
CA HIS C 138 13.23 -37.39 -11.68
C HIS C 138 11.83 -36.77 -11.67
N ASP C 139 11.55 -35.98 -10.64
CA ASP C 139 10.24 -35.38 -10.50
C ASP C 139 10.06 -34.11 -11.32
N ALA C 140 11.16 -33.42 -11.59
CA ALA C 140 11.13 -32.31 -12.49
C ALA C 140 10.84 -32.85 -13.90
N TYR C 141 11.41 -34.01 -14.19
CA TYR C 141 11.22 -34.63 -15.49
C TYR C 141 9.79 -35.18 -15.64
N SER C 142 9.34 -36.02 -14.70
CA SER C 142 8.03 -36.60 -14.86
C SER C 142 6.94 -35.50 -14.91
N THR C 143 7.17 -34.42 -14.15
CA THR C 143 6.22 -33.30 -14.08
C THR C 143 6.20 -32.49 -15.38
N LEU C 144 7.39 -32.16 -15.88
CA LEU C 144 7.52 -31.47 -17.16
C LEU C 144 6.89 -32.28 -18.30
N LEU C 145 7.13 -33.58 -18.29
CA LEU C 145 6.54 -34.45 -19.29
C LEU C 145 4.99 -34.43 -19.26
N ALA C 146 4.42 -34.53 -18.07
CA ALA C 146 2.96 -34.49 -17.90
C ALA C 146 2.36 -33.21 -18.45
N LEU C 147 3.04 -32.09 -18.25
CA LEU C 147 2.53 -30.79 -18.70
C LEU C 147 2.66 -30.65 -20.22
N VAL C 148 3.81 -31.03 -20.77
CA VAL C 148 3.97 -31.02 -22.22
C VAL C 148 2.95 -31.92 -22.93
N LEU C 149 2.75 -33.13 -22.40
CA LEU C 149 1.79 -34.04 -23.02
C LEU C 149 0.35 -33.55 -22.92
N SER C 150 0.05 -32.83 -21.83
CA SER C 150 -1.26 -32.16 -21.63
C SER C 150 -1.47 -31.04 -22.65
N GLN C 151 -0.37 -30.40 -23.04
CA GLN C 151 -0.40 -29.37 -24.04
C GLN C 151 -0.67 -29.95 -25.44
N ALA C 152 -0.12 -31.14 -25.70
CA ALA C 152 -0.30 -31.80 -27.00
C ALA C 152 -1.64 -32.53 -27.06
N ARG C 153 -2.13 -32.99 -25.91
CA ARG C 153 -3.33 -33.77 -25.89
C ARG C 153 -4.24 -33.38 -24.72
N PRO C 154 -4.84 -32.19 -24.80
CA PRO C 154 -5.58 -31.67 -23.66
C PRO C 154 -6.77 -32.55 -23.26
N GLU C 155 -7.24 -33.39 -24.18
CA GLU C 155 -8.37 -34.26 -23.88
C GLU C 155 -8.00 -35.22 -22.75
N ARG C 156 -6.70 -35.44 -22.54
CA ARG C 156 -6.29 -36.35 -21.48
C ARG C 156 -5.61 -35.66 -20.30
N ALA C 157 -5.93 -34.39 -20.08
CA ALA C 157 -5.19 -33.56 -19.12
C ALA C 157 -5.36 -34.03 -17.68
N GLN C 158 -6.59 -34.41 -17.29
CA GLN C 158 -6.83 -34.85 -15.90
C GLN C 158 -6.08 -36.13 -15.55
N GLU C 159 -6.04 -37.07 -16.48
CA GLU C 159 -5.27 -38.31 -16.34
C GLU C 159 -3.76 -38.05 -16.29
N LEU C 160 -3.29 -37.15 -17.16
CA LEU C 160 -1.86 -36.82 -17.18
C LEU C 160 -1.44 -36.12 -15.89
N ALA C 161 -2.28 -35.22 -15.42
CA ALA C 161 -2.03 -34.48 -14.18
C ALA C 161 -2.02 -35.43 -12.97
N ARG C 162 -2.96 -36.38 -12.99
CA ARG C 162 -3.03 -37.35 -11.91
C ARG C 162 -1.80 -38.24 -11.91
N ARG C 163 -1.43 -38.72 -13.09
CA ARG C 163 -0.24 -39.55 -13.20
C ARG C 163 1.01 -38.81 -12.74
N GLY C 164 1.10 -37.52 -13.08
CA GLY C 164 2.23 -36.70 -12.65
C GLY C 164 2.35 -36.59 -11.12
N TRP C 165 1.21 -36.54 -10.44
CA TRP C 165 1.21 -36.48 -8.97
C TRP C 165 1.69 -37.82 -8.34
N GLU C 166 1.12 -38.92 -8.80
CA GLU C 166 1.46 -40.26 -8.33
C GLU C 166 2.94 -40.63 -8.48
N PHE C 167 3.59 -40.11 -9.52
CA PHE C 167 5.04 -40.28 -9.67
C PHE C 167 5.81 -39.83 -8.43
N GLY C 168 5.45 -38.65 -7.91
CA GLY C 168 6.06 -38.15 -6.67
C GLY C 168 5.96 -39.10 -5.49
N GLN C 169 4.75 -39.61 -5.25
CA GLN C 169 4.53 -40.62 -4.22
C GLN C 169 5.39 -41.86 -4.42
N SER C 170 5.52 -42.34 -5.65
CA SER C 170 6.42 -43.46 -5.92
C SER C 170 7.87 -43.17 -5.52
N ARG C 171 8.37 -41.98 -5.86
CA ARG C 171 9.76 -41.62 -5.57
C ARG C 171 10.03 -41.58 -4.08
N VAL C 172 9.07 -41.08 -3.31
CA VAL C 172 9.23 -41.03 -1.86
C VAL C 172 9.29 -42.47 -1.31
N ILE C 173 8.47 -43.35 -1.87
CA ILE C 173 8.41 -44.74 -1.43
C ILE C 173 9.67 -45.51 -1.83
N CYS C 174 10.16 -45.26 -3.02
CA CYS C 174 11.37 -45.94 -3.50
C CYS C 174 12.59 -45.67 -2.62
N GLY C 175 12.68 -44.47 -2.05
CA GLY C 175 13.72 -44.20 -1.05
C GLY C 175 14.98 -43.54 -1.58
N ALA C 176 14.99 -43.16 -2.85
CA ALA C 176 16.13 -42.44 -3.40
C ALA C 176 15.96 -40.91 -3.32
N HIS C 177 14.76 -40.45 -2.98
CA HIS C 177 14.49 -39.02 -2.77
C HIS C 177 13.74 -38.76 -1.48
N TRP C 178 14.03 -37.63 -0.85
CA TRP C 178 13.17 -37.10 0.22
C TRP C 178 11.89 -36.44 -0.32
N GLN C 179 10.85 -36.37 0.52
CA GLN C 179 9.62 -35.66 0.16
C GLN C 179 9.87 -34.22 -0.31
N SER C 180 10.75 -33.49 0.39
CA SER C 180 11.05 -32.09 0.00
C SER C 180 11.79 -31.97 -1.35
N ASP C 181 12.61 -32.96 -1.69
CA ASP C 181 13.16 -33.04 -3.04
C ASP C 181 12.04 -33.10 -4.07
N VAL C 182 11.04 -33.92 -3.80
CA VAL C 182 9.98 -34.21 -4.76
C VAL C 182 9.15 -32.96 -4.96
N ASP C 183 8.86 -32.28 -3.86
CA ASP C 183 8.05 -31.07 -3.84
C ASP C 183 8.75 -29.93 -4.61
N ALA C 184 10.07 -29.83 -4.45
CA ALA C 184 10.85 -28.82 -5.16
C ALA C 184 11.05 -29.21 -6.63
N GLY C 185 11.16 -30.49 -6.91
CA GLY C 185 11.30 -30.95 -8.31
C GLY C 185 10.08 -30.66 -9.16
N ARG C 186 8.90 -30.84 -8.56
CA ARG C 186 7.63 -30.46 -9.19
C ARG C 186 7.57 -29.01 -9.65
N TYR C 187 8.08 -28.11 -8.84
CA TYR C 187 8.02 -26.67 -9.12
C TYR C 187 9.06 -26.33 -10.20
N VAL C 188 10.23 -26.96 -10.12
CA VAL C 188 11.25 -26.85 -11.15
C VAL C 188 10.75 -27.29 -12.53
N GLY C 189 10.05 -28.41 -12.58
CA GLY C 189 9.43 -28.85 -13.84
C GLY C 189 8.46 -27.85 -14.45
N ALA C 190 7.75 -27.11 -13.60
CA ALA C 190 6.81 -26.12 -14.08
C ALA C 190 7.54 -24.86 -14.60
N VAL C 191 8.59 -24.46 -13.89
CA VAL C 191 9.45 -23.37 -14.33
C VAL C 191 10.13 -23.66 -15.67
N GLU C 192 10.61 -24.89 -15.86
CA GLU C 192 11.25 -25.23 -17.14
C GLU C 192 10.22 -25.32 -18.27
N PHE C 193 9.03 -25.81 -17.92
CA PHE C 193 7.93 -25.85 -18.87
C PHE C 193 7.60 -24.46 -19.45
N ALA C 194 7.63 -23.47 -18.59
CA ALA C 194 7.35 -22.11 -18.99
C ALA C 194 8.47 -21.58 -19.88
N ARG C 195 9.71 -21.90 -19.52
CA ARG C 195 10.86 -21.42 -20.28
C ARG C 195 10.86 -22.05 -21.69
N LEU C 196 10.41 -23.30 -21.78
CA LEU C 196 10.35 -23.97 -23.06
C LEU C 196 9.39 -23.31 -24.06
N GLN C 197 8.35 -22.65 -23.56
CA GLN C 197 7.32 -22.10 -24.44
C GLN C 197 7.90 -20.99 -25.33
N THR C 198 8.97 -20.35 -24.87
CA THR C 198 9.55 -19.23 -25.60
C THR C 198 10.66 -19.66 -26.54
N ILE C 199 10.89 -20.96 -26.65
CA ILE C 199 11.96 -21.47 -27.50
C ILE C 199 11.41 -22.08 -28.78
N PRO C 200 11.64 -21.38 -29.91
CA PRO C 200 10.99 -21.73 -31.18
C PRO C 200 11.12 -23.20 -31.51
N ALA C 201 12.32 -23.76 -31.33
CA ALA C 201 12.56 -25.17 -31.60
C ALA C 201 11.60 -26.06 -30.82
N PHE C 202 11.31 -25.68 -29.57
CA PHE C 202 10.39 -26.48 -28.79
C PHE C 202 8.98 -26.43 -29.38
N GLN C 203 8.56 -25.25 -29.78
CA GLN C 203 7.23 -25.04 -30.35
C GLN C 203 7.03 -25.84 -31.64
N LYS C 204 8.07 -25.89 -32.47
CA LYS C 204 8.05 -26.66 -33.72
C LYS C 204 8.03 -28.18 -33.50
N SER C 205 8.78 -28.66 -32.53
CA SER C 205 8.71 -30.06 -32.14
C SER C 205 7.33 -30.42 -31.55
N LEU C 206 6.78 -29.53 -30.74
CA LEU C 206 5.50 -29.78 -30.10
C LEU C 206 4.39 -29.92 -31.13
N ALA C 207 4.45 -29.10 -32.17
CA ALA C 207 3.42 -29.17 -33.22
C ALA C 207 3.41 -30.56 -33.83
N LYS C 208 4.58 -31.16 -34.00
CA LYS C 208 4.63 -32.50 -34.56
C LYS C 208 4.14 -33.56 -33.57
N VAL C 209 4.42 -33.34 -32.28
CA VAL C 209 3.98 -34.27 -31.24
C VAL C 209 2.44 -34.28 -31.13
N ARG C 210 1.85 -33.09 -31.16
CA ARG C 210 0.39 -32.94 -31.23
C ARG C 210 -0.19 -33.74 -32.39
N GLU C 211 0.49 -33.70 -33.52
CA GLU C 211 0.05 -34.42 -34.72
C GLU C 211 0.13 -35.94 -34.53
N GLU C 212 1.23 -36.42 -33.95
CA GLU C 212 1.39 -37.86 -33.68
C GLU C 212 0.37 -38.43 -32.72
N LEU C 213 0.08 -37.71 -31.65
CA LEU C 213 -0.69 -38.27 -30.54
C LEU C 213 -2.19 -38.11 -30.74
N ASN C 214 -2.56 -37.28 -31.71
CA ASN C 214 -3.96 -37.09 -32.04
C ASN C 214 -4.35 -37.79 -33.35
N ASP C 215 -3.36 -38.38 -34.00
CA ASP C 215 -3.54 -39.12 -35.24
C ASP C 215 -4.32 -40.41 -34.92
N LYS C 216 -5.42 -40.62 -35.65
CA LYS C 216 -6.32 -41.73 -35.36
C LYS C 216 -5.64 -43.06 -35.55
N ASN C 217 -4.64 -43.11 -36.43
CA ASN C 217 -3.90 -44.34 -36.65
C ASN C 217 -3.03 -44.70 -35.44
N ASN C 218 -2.89 -43.76 -34.49
CA ASN C 218 -2.05 -43.99 -33.33
C ASN C 218 -2.83 -44.21 -32.05
N LEU C 219 -4.14 -43.97 -32.08
CA LEU C 219 -4.94 -44.02 -30.86
C LEU C 219 -5.09 -45.46 -30.34
N LEU C 220 -5.10 -45.63 -29.03
CA LEU C 220 -5.25 -46.96 -28.46
C LEU C 220 -6.71 -47.40 -28.50
N SER C 221 -6.91 -48.69 -28.81
CA SER C 221 -8.26 -49.26 -28.84
C SER C 221 -9.15 -48.62 -27.78
N MET D 3 -14.07 -7.82 -21.98
CA MET D 3 -13.18 -8.69 -21.17
C MET D 3 -13.72 -10.12 -21.10
N GLN D 4 -13.52 -10.87 -22.18
CA GLN D 4 -13.95 -12.26 -22.22
C GLN D 4 -13.01 -13.15 -21.42
N PRO D 5 -13.57 -13.97 -20.52
CA PRO D 5 -12.79 -15.02 -19.88
C PRO D 5 -12.17 -15.97 -20.91
N PHE D 6 -10.96 -16.45 -20.63
CA PHE D 6 -10.22 -17.25 -21.60
C PHE D 6 -10.99 -18.54 -21.93
N HIS D 7 -11.54 -19.17 -20.91
CA HIS D 7 -12.36 -20.36 -21.10
C HIS D 7 -13.46 -20.45 -20.01
N SER D 8 -14.38 -21.38 -20.19
CA SER D 8 -15.49 -21.51 -19.27
C SER D 8 -15.04 -22.35 -18.09
N PRO D 9 -15.87 -22.39 -17.02
CA PRO D 9 -15.64 -23.21 -15.85
C PRO D 9 -15.39 -24.69 -16.16
N GLU D 10 -16.08 -25.23 -17.15
CA GLU D 10 -15.92 -26.66 -17.49
C GLU D 10 -14.60 -26.96 -18.18
N GLU D 11 -13.93 -25.93 -18.70
CA GLU D 11 -12.68 -26.18 -19.44
C GLU D 11 -11.39 -26.05 -18.62
N SER D 12 -11.52 -25.82 -17.31
CA SER D 12 -10.40 -26.07 -16.40
C SER D 12 -10.28 -27.58 -16.25
N VAL D 13 -9.08 -28.05 -15.96
CA VAL D 13 -8.87 -29.47 -15.69
C VAL D 13 -9.42 -29.81 -14.31
N ASN D 14 -10.13 -30.92 -14.20
CA ASN D 14 -10.87 -31.24 -12.99
C ASN D 14 -9.98 -31.57 -11.78
N SER D 15 -9.84 -30.63 -10.88
CA SER D 15 -8.89 -30.76 -9.77
C SER D 15 -9.25 -31.87 -8.79
N GLN D 16 -10.54 -32.11 -8.61
CA GLN D 16 -10.98 -33.20 -7.77
C GLN D 16 -10.45 -34.54 -8.29
N PHE D 17 -10.30 -34.65 -9.61
CA PHE D 17 -9.85 -35.91 -10.19
C PHE D 17 -8.37 -36.18 -9.99
N TYR D 18 -7.52 -35.15 -10.12
CA TYR D 18 -6.07 -35.39 -10.09
C TYR D 18 -5.34 -35.11 -8.76
N LEU D 19 -5.94 -34.34 -7.85
CA LEU D 19 -5.34 -34.18 -6.50
C LEU D 19 -5.73 -35.30 -5.56
N PRO D 20 -4.79 -35.72 -4.70
CA PRO D 20 -5.09 -36.62 -3.58
C PRO D 20 -6.00 -35.92 -2.58
N PRO D 21 -6.64 -36.68 -1.69
CA PRO D 21 -7.34 -36.00 -0.60
C PRO D 21 -6.31 -35.33 0.31
N PRO D 22 -6.73 -34.28 1.03
CA PRO D 22 -5.84 -33.57 1.95
C PRO D 22 -5.39 -34.47 3.11
N PRO D 23 -4.20 -34.20 3.66
CA PRO D 23 -3.64 -34.97 4.78
C PRO D 23 -4.66 -35.10 5.91
N GLY D 24 -4.80 -36.32 6.43
CA GLY D 24 -5.71 -36.56 7.54
C GLY D 24 -5.01 -36.67 8.88
N ASN D 25 -5.81 -36.88 9.91
CA ASN D 25 -5.50 -36.50 11.29
C ASN D 25 -4.14 -36.95 11.82
N ASP D 26 -3.76 -38.19 11.53
CA ASP D 26 -2.51 -38.74 12.08
C ASP D 26 -1.46 -38.96 11.00
N ASP D 27 -1.78 -38.48 9.80
CA ASP D 27 -0.85 -38.30 8.68
C ASP D 27 0.39 -37.45 9.03
N PRO D 28 1.59 -37.96 8.69
CA PRO D 28 2.81 -37.16 8.85
C PRO D 28 2.76 -35.79 8.16
N ALA D 29 2.21 -35.73 6.95
CA ALA D 29 2.03 -34.43 6.28
C ALA D 29 1.12 -33.50 7.08
N PHE D 30 0.15 -34.06 7.79
CA PHE D 30 -0.69 -33.22 8.65
C PHE D 30 0.02 -32.76 9.92
N ARG D 31 0.82 -33.64 10.50
CA ARG D 31 1.69 -33.24 11.60
C ARG D 31 2.56 -32.08 11.16
N TYR D 32 3.05 -32.14 9.93
CA TYR D 32 3.85 -31.05 9.39
C TYR D 32 3.02 -29.76 9.17
N ASP D 33 1.78 -29.91 8.70
CA ASP D 33 0.89 -28.76 8.51
C ASP D 33 0.77 -27.92 9.79
N LYS D 34 0.57 -28.59 10.92
CA LYS D 34 0.40 -27.92 12.23
C LYS D 34 1.70 -27.29 12.74
N GLU D 35 2.80 -28.02 12.62
CA GLU D 35 4.09 -27.47 13.02
C GLU D 35 4.38 -26.17 12.26
N ALA D 36 4.17 -26.17 10.95
CA ALA D 36 4.41 -24.98 10.13
C ALA D 36 3.40 -23.89 10.46
N TYR D 37 2.18 -24.29 10.79
CA TYR D 37 1.22 -23.32 11.27
C TYR D 37 1.68 -22.69 12.59
N PHE D 38 2.05 -23.51 13.56
CA PHE D 38 2.50 -22.97 14.86
C PHE D 38 3.69 -22.05 14.65
N LYS D 39 4.61 -22.46 13.78
CA LYS D 39 5.82 -21.70 13.54
C LYS D 39 5.51 -20.33 12.94
N GLY D 40 4.42 -20.24 12.18
CA GLY D 40 4.02 -18.98 11.58
C GLY D 40 3.38 -18.03 12.59
N TYR D 41 2.50 -18.56 13.43
CA TYR D 41 1.74 -17.71 14.35
C TYR D 41 2.63 -17.13 15.45
N ALA D 42 3.72 -17.84 15.75
CA ALA D 42 4.64 -17.43 16.80
C ALA D 42 5.48 -16.21 16.41
N ILE D 43 5.39 -15.77 15.15
CA ILE D 43 6.06 -14.54 14.72
C ILE D 43 5.07 -13.43 14.39
N LYS D 44 3.83 -13.61 14.83
CA LYS D 44 2.85 -12.54 14.77
C LYS D 44 3.49 -11.21 15.13
N GLY D 45 3.33 -10.21 14.26
CA GLY D 45 3.77 -8.86 14.57
C GLY D 45 5.19 -8.53 14.12
N SER D 46 5.98 -9.54 13.82
CA SER D 46 7.33 -9.32 13.29
C SER D 46 7.29 -8.68 11.90
N PRO D 47 8.48 -8.40 11.33
CA PRO D 47 8.62 -7.88 9.96
C PRO D 47 8.13 -8.87 8.91
N ARG D 48 8.44 -10.15 9.13
CA ARG D 48 8.05 -11.17 8.17
C ARG D 48 6.54 -11.33 8.17
N TRP D 49 5.94 -11.18 9.35
CA TRP D 49 4.49 -11.23 9.47
C TRP D 49 3.83 -10.05 8.78
N LYS D 50 4.53 -8.92 8.73
CA LYS D 50 4.02 -7.73 8.06
C LYS D 50 4.11 -7.88 6.54
N GLN D 51 5.19 -8.49 6.06
CA GLN D 51 5.29 -8.79 4.64
C GLN D 51 4.22 -9.80 4.22
N ALA D 52 3.97 -10.77 5.07
CA ALA D 52 2.91 -11.75 4.83
C ALA D 52 1.53 -11.10 4.72
N ALA D 53 1.27 -10.11 5.57
CA ALA D 53 0.03 -9.33 5.49
C ALA D 53 -0.12 -8.59 4.15
N GLU D 54 0.98 -8.03 3.66
CA GLU D 54 1.00 -7.35 2.37
C GLU D 54 0.81 -8.33 1.19
N ASP D 55 1.46 -9.48 1.26
CA ASP D 55 1.31 -10.52 0.23
C ASP D 55 -0.12 -11.09 0.13
N ALA D 56 -0.89 -10.94 1.20
CA ALA D 56 -2.09 -11.75 1.43
C ALA D 56 -3.29 -11.25 0.62
N ASP D 57 -3.21 -10.01 0.19
CA ASP D 57 -4.32 -9.36 -0.47
C ASP D 57 -4.21 -9.65 -1.97
N ILE D 58 -5.23 -10.32 -2.52
CA ILE D 58 -5.15 -10.82 -3.87
C ILE D 58 -5.81 -9.90 -4.89
N SER D 59 -6.22 -8.72 -4.45
CA SER D 59 -6.82 -7.74 -5.36
C SER D 59 -5.80 -7.33 -6.40
N VAL D 60 -6.28 -6.99 -7.59
CA VAL D 60 -5.43 -6.78 -8.75
C VAL D 60 -4.46 -5.61 -8.55
N GLU D 61 -4.88 -4.63 -7.75
CA GLU D 61 -4.01 -3.51 -7.39
C GLU D 61 -2.78 -3.98 -6.65
N ASN D 62 -2.98 -4.76 -5.59
CA ASN D 62 -1.87 -5.24 -4.78
C ASN D 62 -0.95 -6.18 -5.56
N ILE D 63 -1.55 -7.00 -6.43
CA ILE D 63 -0.80 -7.98 -7.20
C ILE D 63 0.13 -7.24 -8.17
N ALA D 64 -0.44 -6.26 -8.88
CA ALA D 64 0.30 -5.43 -9.85
C ALA D 64 1.45 -4.70 -9.18
N ARG D 65 1.16 -4.09 -8.05
CA ARG D 65 2.18 -3.50 -7.21
C ARG D 65 3.33 -4.46 -6.88
N ILE D 66 3.00 -5.66 -6.40
CA ILE D 66 4.03 -6.65 -6.09
C ILE D 66 4.86 -7.09 -7.29
N PHE D 67 4.19 -7.42 -8.39
CA PHE D 67 4.86 -8.05 -9.52
C PHE D 67 5.63 -7.06 -10.38
N SER D 68 5.30 -5.78 -10.22
CA SER D 68 5.78 -4.75 -11.14
C SER D 68 7.31 -4.55 -11.10
N PRO D 69 7.90 -4.44 -9.89
CA PRO D 69 9.35 -4.38 -9.76
C PRO D 69 10.04 -5.71 -10.08
N VAL D 70 9.34 -6.81 -9.83
CA VAL D 70 9.87 -8.13 -10.10
C VAL D 70 10.01 -8.37 -11.60
N VAL D 71 8.99 -7.97 -12.35
CA VAL D 71 8.98 -8.17 -13.80
C VAL D 71 9.68 -7.02 -14.51
N GLY D 72 9.86 -5.91 -13.79
CA GLY D 72 10.66 -4.79 -14.27
C GLY D 72 9.90 -3.85 -15.19
N ALA D 73 8.60 -3.72 -14.98
CA ALA D 73 7.79 -2.81 -15.78
C ALA D 73 6.61 -2.25 -15.00
N LYS D 74 6.10 -1.12 -15.45
CA LYS D 74 4.88 -0.57 -14.89
C LYS D 74 3.73 -1.51 -15.20
N ILE D 75 2.86 -1.70 -14.24
CA ILE D 75 1.60 -2.38 -14.53
C ILE D 75 0.46 -1.56 -13.96
N ASN D 76 -0.33 -0.96 -14.84
CA ASN D 76 -1.51 -0.18 -14.43
C ASN D 76 -2.50 -0.08 -15.59
N PRO D 77 -3.75 0.31 -15.29
CA PRO D 77 -4.81 0.18 -16.29
C PRO D 77 -4.58 1.05 -17.55
N LYS D 78 -3.78 2.09 -17.43
CA LYS D 78 -3.60 3.01 -18.55
C LYS D 78 -2.41 2.67 -19.43
N ASP D 79 -1.26 2.38 -18.80
CA ASP D 79 -0.06 2.05 -19.55
C ASP D 79 -0.09 0.64 -20.12
N THR D 80 -0.69 -0.29 -19.39
CA THR D 80 -0.63 -1.70 -19.74
C THR D 80 -2.02 -2.32 -19.62
N PRO D 81 -2.93 -1.95 -20.53
CA PRO D 81 -4.33 -2.33 -20.35
C PRO D 81 -4.58 -3.82 -20.58
N GLU D 82 -3.87 -4.44 -21.51
CA GLU D 82 -4.00 -5.88 -21.73
C GLU D 82 -3.45 -6.67 -20.54
N THR D 83 -2.26 -6.30 -20.11
CA THR D 83 -1.68 -6.89 -18.89
C THR D 83 -2.65 -6.76 -17.72
N TRP D 84 -3.29 -5.60 -17.59
CA TRP D 84 -4.27 -5.40 -16.52
C TRP D 84 -5.43 -6.40 -16.63
N ASN D 85 -5.94 -6.58 -17.85
CA ASN D 85 -6.97 -7.59 -18.12
C ASN D 85 -6.47 -9.00 -17.80
N MET D 86 -5.23 -9.27 -18.19
CA MET D 86 -4.63 -10.58 -18.01
C MET D 86 -4.61 -10.95 -16.52
N LEU D 87 -4.23 -10.00 -15.67
CA LEU D 87 -4.18 -10.24 -14.23
C LEU D 87 -5.57 -10.57 -13.67
N GLN D 88 -6.60 -9.94 -14.22
CA GLN D 88 -7.95 -10.22 -13.76
C GLN D 88 -8.46 -11.54 -14.31
N ASN D 89 -8.15 -11.80 -15.56
CA ASN D 89 -8.53 -13.05 -16.17
C ASN D 89 -7.87 -14.26 -15.50
N LEU D 90 -6.61 -14.11 -15.08
CA LEU D 90 -5.92 -15.24 -14.45
C LEU D 90 -6.42 -15.57 -13.05
N LEU D 91 -6.95 -14.58 -12.34
CA LEU D 91 -7.50 -14.82 -11.01
C LEU D 91 -8.73 -15.73 -11.12
N LYS D 92 -9.55 -15.44 -12.13
CA LYS D 92 -10.74 -16.24 -12.44
C LYS D 92 -10.36 -17.64 -12.93
N MET D 93 -9.44 -17.72 -13.87
CA MET D 93 -8.97 -19.01 -14.38
C MET D 93 -8.33 -19.85 -13.28
N GLY D 94 -7.40 -19.25 -12.54
CA GLY D 94 -6.52 -20.02 -11.66
C GLY D 94 -6.97 -20.04 -10.22
N GLY D 95 -7.43 -18.88 -9.74
CA GLY D 95 -7.97 -18.77 -8.38
C GLY D 95 -9.31 -19.48 -8.23
N TYR D 96 -10.19 -19.33 -9.20
CA TYR D 96 -11.54 -19.90 -9.09
C TYR D 96 -11.78 -21.18 -9.87
N TYR D 97 -11.78 -21.09 -11.20
CA TYR D 97 -12.17 -22.26 -12.01
C TYR D 97 -11.29 -23.46 -11.76
N ALA D 98 -10.00 -23.23 -11.60
CA ALA D 98 -9.05 -24.33 -11.63
C ALA D 98 -9.06 -25.12 -10.30
N THR D 99 -9.51 -24.47 -9.23
CA THR D 99 -9.58 -25.13 -7.91
C THR D 99 -11.00 -25.62 -7.51
N ALA D 100 -12.01 -25.27 -8.30
CA ALA D 100 -13.39 -25.27 -7.77
C ALA D 100 -13.90 -26.64 -7.33
N SER D 101 -13.62 -27.69 -8.09
CA SER D 101 -14.26 -28.97 -7.79
C SER D 101 -13.60 -29.68 -6.61
N ALA D 102 -12.27 -29.54 -6.48
CA ALA D 102 -11.62 -30.06 -5.30
C ALA D 102 -12.01 -29.31 -4.03
N LYS D 103 -12.16 -27.99 -4.14
CA LYS D 103 -12.52 -27.17 -2.96
C LYS D 103 -13.89 -27.54 -2.40
N LYS D 104 -14.88 -27.59 -3.28
CA LYS D 104 -16.25 -27.98 -2.93
C LYS D 104 -16.29 -29.39 -2.40
N TYR D 105 -15.54 -30.28 -3.02
CA TYR D 105 -15.60 -31.70 -2.68
C TYR D 105 -15.06 -31.99 -1.27
N TYR D 106 -14.01 -31.30 -0.86
CA TYR D 106 -13.39 -31.58 0.43
C TYR D 106 -13.77 -30.58 1.52
N MET D 107 -13.92 -29.32 1.15
CA MET D 107 -14.28 -28.29 2.13
C MET D 107 -13.35 -28.32 3.35
N ARG D 108 -12.04 -28.31 3.11
CA ARG D 108 -11.08 -28.36 4.20
C ARG D 108 -11.21 -27.13 5.11
N THR D 109 -11.27 -27.38 6.42
CA THR D 109 -11.17 -26.30 7.42
C THR D 109 -9.78 -25.64 7.41
N ARG D 110 -9.76 -24.32 7.53
CA ARG D 110 -8.52 -23.53 7.55
C ARG D 110 -7.85 -23.48 8.92
N PRO D 111 -6.52 -23.29 8.92
CA PRO D 111 -5.77 -23.42 10.16
C PRO D 111 -6.29 -22.51 11.27
N PHE D 112 -6.49 -21.22 10.96
CA PHE D 112 -6.89 -20.28 12.01
C PHE D 112 -8.19 -20.69 12.70
N VAL D 113 -9.06 -21.36 11.96
CA VAL D 113 -10.33 -21.81 12.53
C VAL D 113 -10.11 -22.98 13.49
N LEU D 114 -9.28 -23.95 13.09
CA LEU D 114 -9.06 -25.14 13.91
C LEU D 114 -8.40 -24.80 15.26
N PHE D 115 -7.66 -23.69 15.29
CA PHE D 115 -6.90 -23.29 16.48
C PHE D 115 -7.39 -21.98 17.09
N ASN D 116 -8.55 -21.50 16.66
CA ASN D 116 -9.20 -20.37 17.32
C ASN D 116 -8.32 -19.12 17.36
N HIS D 117 -7.89 -18.64 16.20
CA HIS D 117 -6.97 -17.52 16.14
C HIS D 117 -7.44 -16.58 15.04
N SER D 118 -6.85 -15.40 14.95
CA SER D 118 -7.03 -14.62 13.72
C SER D 118 -5.87 -14.83 12.71
N THR D 119 -6.05 -14.31 11.51
CA THR D 119 -5.02 -14.40 10.47
C THR D 119 -4.24 -13.10 10.40
N CYS D 120 -3.29 -13.01 9.47
CA CYS D 120 -2.51 -11.79 9.29
C CYS D 120 -3.33 -10.76 8.53
N ARG D 121 -4.53 -11.14 8.11
CA ARG D 121 -5.39 -10.21 7.37
C ARG D 121 -6.87 -10.38 7.70
N PRO D 122 -7.29 -9.88 8.88
CA PRO D 122 -8.62 -10.12 9.43
C PRO D 122 -9.77 -9.66 8.54
N GLU D 123 -9.56 -8.60 7.76
CA GLU D 123 -10.56 -8.09 6.83
C GLU D 123 -11.11 -9.15 5.86
N ASP D 124 -10.31 -10.17 5.55
CA ASP D 124 -10.72 -11.16 4.55
C ASP D 124 -11.22 -12.43 5.20
N GLU D 125 -11.29 -12.45 6.52
CA GLU D 125 -11.64 -13.67 7.23
C GLU D 125 -13.06 -14.18 6.95
N ASN D 126 -14.02 -13.25 6.93
CA ASN D 126 -15.40 -13.60 6.61
C ASN D 126 -15.51 -14.35 5.29
N THR D 127 -14.94 -13.77 4.23
CA THR D 127 -14.92 -14.40 2.91
C THR D 127 -14.27 -15.79 2.95
N LEU D 128 -13.08 -15.86 3.54
CA LEU D 128 -12.31 -17.10 3.59
C LEU D 128 -13.02 -18.26 4.31
N ARG D 129 -13.83 -17.94 5.32
CA ARG D 129 -14.56 -18.95 6.09
C ARG D 129 -15.57 -19.73 5.25
N LYS D 130 -15.99 -19.15 4.14
CA LYS D 130 -17.09 -19.68 3.33
C LYS D 130 -16.62 -20.71 2.31
N ASP D 131 -15.32 -20.99 2.33
CA ASP D 131 -14.64 -21.55 1.17
C ASP D 131 -13.63 -22.60 1.70
N GLY D 132 -13.66 -23.80 1.12
CA GLY D 132 -12.61 -24.78 1.38
C GLY D 132 -11.18 -24.27 1.15
N SER D 133 -10.28 -24.71 2.01
CA SER D 133 -8.87 -24.30 2.00
C SER D 133 -8.07 -24.95 0.84
N TYR D 134 -8.49 -26.16 0.47
CA TYR D 134 -7.68 -27.11 -0.26
C TYR D 134 -8.32 -27.36 -1.61
N PRO D 135 -7.57 -27.17 -2.69
CA PRO D 135 -6.23 -26.58 -2.69
C PRO D 135 -6.29 -25.07 -2.68
N SER D 136 -5.15 -24.44 -2.44
CA SER D 136 -5.13 -22.98 -2.34
C SER D 136 -5.29 -22.31 -3.70
N GLY D 137 -6.42 -21.66 -3.91
CA GLY D 137 -6.63 -20.78 -5.06
C GLY D 137 -5.71 -19.57 -5.09
N HIS D 138 -5.32 -19.09 -3.92
CA HIS D 138 -4.42 -17.95 -3.83
C HIS D 138 -3.08 -18.34 -4.43
N ASP D 139 -2.64 -19.56 -4.15
CA ASP D 139 -1.36 -20.02 -4.60
C ASP D 139 -1.41 -20.58 -6.03
N ALA D 140 -2.56 -21.15 -6.40
CA ALA D 140 -2.74 -21.55 -7.80
C ALA D 140 -2.58 -20.29 -8.63
N TYR D 141 -3.13 -19.18 -8.11
CA TYR D 141 -3.21 -17.92 -8.87
C TYR D 141 -1.84 -17.26 -9.04
N SER D 142 -1.14 -17.02 -7.93
CA SER D 142 0.18 -16.40 -7.97
C SER D 142 1.25 -17.25 -8.67
N THR D 143 1.13 -18.58 -8.58
CA THR D 143 1.95 -19.46 -9.39
C THR D 143 1.65 -19.35 -10.89
N LEU D 144 0.37 -19.39 -11.24
CA LEU D 144 -0.04 -19.18 -12.64
C LEU D 144 0.53 -17.88 -13.19
N LEU D 145 0.37 -16.81 -12.43
CA LEU D 145 0.84 -15.49 -12.78
C LEU D 145 2.37 -15.39 -12.94
N ALA D 146 3.12 -15.92 -11.97
CA ALA D 146 4.58 -16.00 -12.08
C ALA D 146 5.00 -16.73 -13.36
N LEU D 147 4.32 -17.83 -13.68
CA LEU D 147 4.58 -18.58 -14.92
C LEU D 147 4.28 -17.79 -16.20
N VAL D 148 3.11 -17.17 -16.28
CA VAL D 148 2.75 -16.42 -17.48
C VAL D 148 3.70 -15.24 -17.70
N LEU D 149 4.04 -14.53 -16.62
CA LEU D 149 4.95 -13.40 -16.75
C LEU D 149 6.34 -13.83 -17.21
N SER D 150 6.74 -15.05 -16.82
CA SER D 150 8.01 -15.61 -17.24
C SER D 150 8.00 -15.87 -18.75
N GLN D 151 6.82 -16.11 -19.29
CA GLN D 151 6.65 -16.38 -20.72
C GLN D 151 6.71 -15.06 -21.49
N ALA D 152 6.23 -14.00 -20.86
CA ALA D 152 6.27 -12.66 -21.44
C ALA D 152 7.64 -11.98 -21.31
N ARG D 153 8.31 -12.16 -20.17
CA ARG D 153 9.65 -11.61 -19.98
C ARG D 153 10.65 -12.63 -19.46
N PRO D 154 11.11 -13.52 -20.35
CA PRO D 154 11.85 -14.69 -19.88
C PRO D 154 13.17 -14.35 -19.22
N GLU D 155 13.65 -13.12 -19.39
CA GLU D 155 14.93 -12.73 -18.80
C GLU D 155 14.80 -12.34 -17.32
N ARG D 156 13.56 -12.20 -16.83
CA ARG D 156 13.28 -12.04 -15.39
C ARG D 156 12.73 -13.34 -14.73
N ALA D 157 12.88 -14.47 -15.42
CA ALA D 157 12.29 -15.73 -14.98
C ALA D 157 12.71 -16.18 -13.57
N GLN D 158 14.00 -16.06 -13.26
CA GLN D 158 14.50 -16.47 -11.95
C GLN D 158 13.95 -15.64 -10.81
N GLU D 159 13.87 -14.32 -11.03
CA GLU D 159 13.17 -13.42 -10.11
C GLU D 159 11.70 -13.83 -9.90
N LEU D 160 11.01 -14.12 -11.00
CA LEU D 160 9.59 -14.43 -10.98
C LEU D 160 9.35 -15.75 -10.24
N ALA D 161 10.17 -16.75 -10.55
CA ALA D 161 10.08 -18.08 -9.93
C ALA D 161 10.29 -17.97 -8.44
N ARG D 162 11.19 -17.08 -8.04
CA ARG D 162 11.48 -16.88 -6.62
C ARG D 162 10.33 -16.24 -5.86
N ARG D 163 9.81 -15.15 -6.42
CA ARG D 163 8.65 -14.46 -5.88
C ARG D 163 7.47 -15.41 -5.78
N GLY D 164 7.23 -16.20 -6.84
CA GLY D 164 6.22 -17.24 -6.80
C GLY D 164 6.34 -18.20 -5.61
N TRP D 165 7.55 -18.66 -5.32
CA TRP D 165 7.76 -19.49 -4.14
C TRP D 165 7.45 -18.76 -2.83
N GLU D 166 8.04 -17.57 -2.67
CA GLU D 166 7.88 -16.73 -1.47
C GLU D 166 6.42 -16.50 -1.07
N PHE D 167 5.56 -16.27 -2.06
CA PHE D 167 4.12 -16.13 -1.83
C PHE D 167 3.58 -17.27 -0.98
N GLY D 168 3.98 -18.49 -1.30
CA GLY D 168 3.56 -19.66 -0.57
C GLY D 168 3.92 -19.59 0.90
N GLN D 169 5.15 -19.18 1.18
CA GLN D 169 5.63 -18.97 2.56
C GLN D 169 4.78 -17.93 3.32
N SER D 170 4.51 -16.81 2.67
CA SER D 170 3.56 -15.82 3.21
C SER D 170 2.20 -16.42 3.60
N ARG D 171 1.58 -17.18 2.70
CA ARG D 171 0.25 -17.77 2.97
C ARG D 171 0.28 -18.66 4.20
N VAL D 172 1.40 -19.37 4.39
CA VAL D 172 1.51 -20.31 5.50
C VAL D 172 1.60 -19.53 6.81
N ILE D 173 2.37 -18.45 6.77
CA ILE D 173 2.55 -17.60 7.94
C ILE D 173 1.23 -16.86 8.28
N CYS D 174 0.47 -16.50 7.24
CA CYS D 174 -0.73 -15.70 7.44
C CYS D 174 -1.82 -16.50 8.12
N GLY D 175 -1.84 -17.80 7.86
CA GLY D 175 -2.67 -18.72 8.65
C GLY D 175 -4.05 -19.05 8.11
N ALA D 176 -4.34 -18.60 6.89
CA ALA D 176 -5.59 -19.00 6.21
C ALA D 176 -5.43 -20.21 5.29
N HIS D 177 -4.19 -20.72 5.19
CA HIS D 177 -3.92 -21.95 4.43
C HIS D 177 -2.91 -22.83 5.13
N TRP D 178 -3.04 -24.15 4.95
CA TRP D 178 -2.01 -25.09 5.40
C TRP D 178 -0.92 -25.23 4.33
N GLN D 179 0.26 -25.69 4.76
CA GLN D 179 1.37 -25.97 3.84
C GLN D 179 0.93 -26.89 2.70
N SER D 180 0.19 -27.93 3.04
CA SER D 180 -0.29 -28.86 2.03
C SER D 180 -1.24 -28.23 1.02
N ASP D 181 -2.06 -27.26 1.45
CA ASP D 181 -2.88 -26.51 0.48
C ASP D 181 -1.98 -25.75 -0.51
N VAL D 182 -0.94 -25.14 0.02
CA VAL D 182 -0.03 -24.33 -0.77
C VAL D 182 0.67 -25.21 -1.80
N ASP D 183 1.15 -26.38 -1.37
CA ASP D 183 1.86 -27.30 -2.27
C ASP D 183 0.96 -27.74 -3.42
N ALA D 184 -0.26 -28.16 -3.07
CA ALA D 184 -1.24 -28.59 -4.04
C ALA D 184 -1.65 -27.43 -4.94
N GLY D 185 -1.77 -26.24 -4.37
CA GLY D 185 -2.09 -25.04 -5.17
C GLY D 185 -1.06 -24.67 -6.24
N ARG D 186 0.23 -24.86 -5.93
CA ARG D 186 1.28 -24.59 -6.91
C ARG D 186 1.13 -25.51 -8.10
N TYR D 187 0.79 -26.77 -7.81
CA TYR D 187 0.62 -27.76 -8.84
C TYR D 187 -0.59 -27.45 -9.73
N VAL D 188 -1.70 -27.06 -9.11
CA VAL D 188 -2.90 -26.69 -9.87
C VAL D 188 -2.58 -25.52 -10.81
N GLY D 189 -1.88 -24.52 -10.29
CA GLY D 189 -1.40 -23.41 -11.12
C GLY D 189 -0.61 -23.81 -12.36
N ALA D 190 0.23 -24.83 -12.24
CA ALA D 190 1.01 -25.32 -13.39
C ALA D 190 0.16 -26.08 -14.41
N VAL D 191 -0.87 -26.78 -13.92
CA VAL D 191 -1.77 -27.54 -14.76
C VAL D 191 -2.66 -26.60 -15.59
N GLU D 192 -3.17 -25.54 -14.96
CA GLU D 192 -3.93 -24.52 -15.66
C GLU D 192 -3.09 -23.70 -16.66
N PHE D 193 -1.84 -23.42 -16.29
CA PHE D 193 -0.89 -22.84 -17.24
C PHE D 193 -0.78 -23.66 -18.54
N ALA D 194 -0.69 -24.97 -18.43
CA ALA D 194 -0.54 -25.84 -19.58
C ALA D 194 -1.80 -25.85 -20.45
N ARG D 195 -2.96 -25.89 -19.79
CA ARG D 195 -4.27 -25.82 -20.45
C ARG D 195 -4.44 -24.49 -21.20
N LEU D 196 -4.04 -23.38 -20.57
CA LEU D 196 -4.17 -22.06 -21.23
C LEU D 196 -3.38 -21.97 -22.53
N GLN D 197 -2.25 -22.68 -22.60
CA GLN D 197 -1.41 -22.63 -23.79
C GLN D 197 -2.17 -23.06 -25.06
N THR D 198 -3.20 -23.89 -24.88
CA THR D 198 -3.89 -24.51 -26.01
C THR D 198 -5.06 -23.61 -26.45
N ILE D 199 -5.23 -22.46 -25.79
CA ILE D 199 -6.43 -21.62 -25.99
C ILE D 199 -6.05 -20.35 -26.75
N PRO D 200 -6.57 -20.19 -27.98
CA PRO D 200 -6.26 -19.04 -28.82
C PRO D 200 -6.45 -17.68 -28.13
N ALA D 201 -7.54 -17.50 -27.40
CA ALA D 201 -7.74 -16.22 -26.71
C ALA D 201 -6.57 -15.92 -25.78
N PHE D 202 -6.01 -16.96 -25.13
CA PHE D 202 -4.85 -16.75 -24.28
C PHE D 202 -3.60 -16.35 -25.05
N GLN D 203 -3.31 -17.05 -26.15
CA GLN D 203 -2.17 -16.73 -26.98
C GLN D 203 -2.26 -15.31 -27.55
N LYS D 204 -3.44 -14.90 -27.98
CA LYS D 204 -3.63 -13.56 -28.51
C LYS D 204 -3.40 -12.51 -27.42
N SER D 205 -3.92 -12.76 -26.23
CA SER D 205 -3.72 -11.84 -25.13
C SER D 205 -2.24 -11.77 -24.73
N LEU D 206 -1.58 -12.92 -24.70
CA LEU D 206 -0.21 -13.00 -24.24
C LEU D 206 0.72 -12.22 -25.18
N ALA D 207 0.42 -12.27 -26.48
CA ALA D 207 1.25 -11.59 -27.47
C ALA D 207 1.23 -10.08 -27.20
N LYS D 208 0.09 -9.58 -26.72
CA LYS D 208 -0.06 -8.16 -26.42
C LYS D 208 0.57 -7.76 -25.09
N VAL D 209 0.40 -8.61 -24.08
CA VAL D 209 1.12 -8.47 -22.83
C VAL D 209 2.62 -8.39 -23.07
N ARG D 210 3.11 -9.22 -23.98
CA ARG D 210 4.53 -9.28 -24.27
C ARG D 210 5.01 -7.97 -24.88
N GLU D 211 4.21 -7.39 -25.77
CA GLU D 211 4.47 -6.04 -26.30
C GLU D 211 4.49 -4.98 -25.21
N GLU D 212 3.43 -4.94 -24.39
CA GLU D 212 3.32 -3.91 -23.37
C GLU D 212 4.51 -3.93 -22.43
N LEU D 213 4.97 -5.12 -22.07
CA LEU D 213 5.92 -5.25 -20.97
C LEU D 213 7.35 -5.03 -21.44
N ASN D 214 7.57 -5.11 -22.74
CA ASN D 214 8.89 -4.85 -23.31
C ASN D 214 8.99 -3.47 -23.99
N ASP D 215 7.94 -2.68 -23.87
CA ASP D 215 7.89 -1.33 -24.45
C ASP D 215 8.74 -0.35 -23.65
N LYS D 216 9.66 0.33 -24.34
CA LYS D 216 10.61 1.26 -23.71
C LYS D 216 9.98 2.12 -22.61
N ASN D 217 8.76 2.60 -22.86
CA ASN D 217 8.13 3.55 -21.94
C ASN D 217 7.61 2.93 -20.64
N ASN D 218 7.61 1.61 -20.56
CA ASN D 218 7.04 0.92 -19.40
C ASN D 218 8.08 0.33 -18.45
N LEU D 219 9.35 0.37 -18.84
CA LEU D 219 10.40 -0.34 -18.11
C LEU D 219 10.83 0.32 -16.79
N LEU D 220 11.21 -0.51 -15.82
CA LEU D 220 11.67 -0.03 -14.51
C LEU D 220 13.06 -0.55 -14.19
N SER D 221 13.80 0.19 -13.35
CA SER D 221 15.02 -0.32 -12.74
C SER D 221 14.69 -1.33 -11.63
#